data_5V6R
#
_entry.id   5V6R
#
_cell.length_a   69.852
_cell.length_b   164.544
_cell.length_c   84.268
_cell.angle_alpha   90.00
_cell.angle_beta   99.47
_cell.angle_gamma   90.00
#
_symmetry.space_group_name_H-M   'P 1 21 1'
#
loop_
_entity.id
_entity.type
_entity.pdbx_description
1 polymer Plexin-D1
2 water water
#
_entity_poly.entity_id   1
_entity_poly.type   'polypeptide(L)'
_entity_poly.pdbx_seq_one_letter_code
;ELNRSQGIPFLEYKHFVTRTFFPKCSSLYEERYVLPSKTLNSQGGSPPQETHPLLGEWNIPEHCRPSMEEGISLFSSLLN
NKHFLIVFVHALEQQKDFAVRDRCSLASLLTIALHGKLEYYTSIMKELLVDLIDASAAKNPKLMLRRTESVVEKMLTNWM
SICMYGCLRETVGEPFFLLLCAIKQQINKGSIDAITGKARYTLNEEWLLRENIEAKPRNLNVSFQGCGMDSLSVRAMDTD
TLTQVKEKILEAFCKNVPYSQWPRAEDVDLEWFASSTQSYVLRDLDDTSVVEDGRKKLNTLAHYKIPEGASLAMSLTDKK
DSTLGRVKDLDTEKYFHLVLPTDELVEPKKSHRQSHRKKVLPEIYLTRLLSTKGTLQKFLDDLFKAILSIREDKPPLAVK
YFFDFLEEQAEKRGISDPDTLHIWKTNSLPLRFWVNILKNPQFVFDIEKTDHIDACLSVIAQAFIDACSISDLQLGKDSP
TNKLLYAKEIPEYRKTVQRYYKQIQDMTPLSEQEMNAHLAEESRKYQNEFNTNVAMAEIYKYAKRYRPQIMAALEANPTA
RRTQLQHKFEQVVALMENNIYECYSEA
;
_entity_poly.pdbx_strand_id   A,B
#
# COMPACT_ATOMS: atom_id res chain seq x y z
N GLY A 7 -7.51 19.04 -38.68
CA GLY A 7 -7.23 18.09 -37.63
C GLY A 7 -8.46 17.74 -36.81
N ILE A 8 -8.47 16.55 -36.24
CA ILE A 8 -9.58 16.08 -35.41
C ILE A 8 -9.81 17.01 -34.22
N PRO A 9 -11.00 17.61 -34.13
CA PRO A 9 -11.34 18.63 -33.12
C PRO A 9 -11.52 18.05 -31.73
N PHE A 10 -10.45 17.56 -31.12
CA PHE A 10 -10.52 17.06 -29.76
C PHE A 10 -10.74 18.19 -28.76
N LEU A 11 -11.50 17.90 -27.71
CA LEU A 11 -11.61 18.81 -26.58
C LEU A 11 -10.39 18.67 -25.68
N GLU A 12 -9.97 19.77 -25.05
CA GLU A 12 -8.93 19.71 -24.04
C GLU A 12 -9.38 18.78 -22.92
N TYR A 13 -8.41 18.15 -22.24
CA TYR A 13 -8.69 17.19 -21.18
C TYR A 13 -9.62 17.73 -20.09
N LYS A 14 -9.51 19.02 -19.80
CA LYS A 14 -10.33 19.61 -18.75
C LYS A 14 -11.81 19.66 -19.16
N HIS A 15 -12.06 20.01 -20.43
CA HIS A 15 -13.43 20.10 -20.91
C HIS A 15 -14.05 18.72 -21.05
N PHE A 16 -13.22 17.74 -21.43
CA PHE A 16 -13.65 16.35 -21.45
C PHE A 16 -14.12 15.93 -20.06
N VAL A 17 -13.29 16.17 -19.05
CA VAL A 17 -13.61 15.86 -17.67
C VAL A 17 -14.86 16.61 -17.21
N THR A 18 -14.92 17.89 -17.58
CA THR A 18 -16.04 18.75 -17.22
C THR A 18 -17.39 18.19 -17.69
N ARG A 19 -17.42 17.68 -18.92
CA ARG A 19 -18.67 17.25 -19.53
C ARG A 19 -19.07 15.83 -19.12
N THR A 20 -18.10 15.02 -18.74
CA THR A 20 -18.39 13.65 -18.33
C THR A 20 -18.63 13.53 -16.83
N PHE A 21 -17.95 14.36 -16.04
CA PHE A 21 -18.09 14.27 -14.58
C PHE A 21 -19.38 14.90 -14.11
N PHE A 22 -19.83 15.95 -14.79
CA PHE A 22 -21.02 16.68 -14.38
C PHE A 22 -22.04 16.81 -15.51
N PRO A 23 -23.30 16.47 -15.22
CA PRO A 23 -24.39 16.63 -16.19
C PRO A 23 -24.71 18.10 -16.46
N THR A 51 -17.69 21.96 -15.37
CA THR A 51 -18.23 23.26 -15.03
C THR A 51 -17.16 24.34 -15.08
N HIS A 52 -17.52 25.51 -15.58
CA HIS A 52 -16.63 26.67 -15.60
C HIS A 52 -16.07 27.06 -14.21
N PRO A 53 -16.88 26.93 -13.13
CA PRO A 53 -16.30 27.23 -11.82
C PRO A 53 -15.03 26.44 -11.47
N LEU A 54 -15.00 25.17 -11.85
CA LEU A 54 -13.89 24.29 -11.52
C LEU A 54 -12.69 24.45 -12.47
N LEU A 55 -12.79 25.37 -13.42
CA LEU A 55 -11.72 25.56 -14.39
C LEU A 55 -10.96 26.85 -14.13
N GLY A 56 -11.69 27.94 -13.90
CA GLY A 56 -11.08 29.22 -13.59
C GLY A 56 -11.00 29.44 -12.10
N GLU A 57 -10.03 30.24 -11.66
CA GLU A 57 -9.88 30.54 -10.25
C GLU A 57 -11.05 31.39 -9.77
N TRP A 58 -11.63 31.02 -8.63
CA TRP A 58 -12.82 31.69 -8.11
C TRP A 58 -12.54 33.13 -7.74
N ASN A 59 -13.35 34.04 -8.29
CA ASN A 59 -13.18 35.47 -8.09
C ASN A 59 -13.73 35.93 -6.74
N ILE A 60 -13.57 35.09 -5.72
CA ILE A 60 -13.96 35.44 -4.36
C ILE A 60 -13.10 36.60 -3.86
N PRO A 61 -13.57 37.32 -2.83
CA PRO A 61 -12.78 38.39 -2.21
C PRO A 61 -11.35 37.99 -1.89
N GLU A 62 -10.40 38.89 -2.12
CA GLU A 62 -8.99 38.59 -1.96
C GLU A 62 -8.44 39.05 -0.61
N HIS A 63 -9.30 39.67 0.20
CA HIS A 63 -8.87 40.16 1.52
C HIS A 63 -9.00 39.07 2.58
N CYS A 64 -9.90 38.12 2.35
CA CYS A 64 -10.07 37.00 3.27
C CYS A 64 -9.48 35.73 2.67
N ARG A 65 -8.84 35.88 1.51
CA ARG A 65 -8.25 34.75 0.79
C ARG A 65 -7.09 34.07 1.54
N PRO A 66 -6.21 34.85 2.20
CA PRO A 66 -5.21 34.15 3.01
C PRO A 66 -5.84 33.36 4.17
N SER A 67 -7.03 33.78 4.59
CA SER A 67 -7.75 33.09 5.66
C SER A 67 -8.49 31.87 5.12
N MET A 68 -8.97 31.99 3.89
CA MET A 68 -9.70 30.89 3.24
C MET A 68 -8.81 29.69 2.98
N GLU A 69 -7.60 29.96 2.48
CA GLU A 69 -6.64 28.90 2.17
C GLU A 69 -6.28 28.08 3.42
N GLU A 70 -6.46 28.69 4.59
CA GLU A 70 -6.24 27.98 5.84
C GLU A 70 -7.34 26.95 6.08
N GLY A 71 -8.59 27.37 5.88
CA GLY A 71 -9.73 26.50 6.09
C GLY A 71 -9.80 25.37 5.09
N ILE A 72 -9.34 25.61 3.88
CA ILE A 72 -9.36 24.59 2.84
C ILE A 72 -8.22 23.59 3.07
N SER A 73 -7.06 24.10 3.49
CA SER A 73 -5.92 23.25 3.80
C SER A 73 -6.26 22.24 4.88
N LEU A 74 -6.88 22.72 5.97
CA LEU A 74 -7.29 21.85 7.06
C LEU A 74 -8.27 20.78 6.59
N PHE A 75 -9.23 21.19 5.76
CA PHE A 75 -10.24 20.26 5.29
C PHE A 75 -9.65 19.25 4.32
N SER A 76 -8.61 19.68 3.59
CA SER A 76 -7.89 18.77 2.70
C SER A 76 -7.25 17.65 3.52
N SER A 77 -6.67 18.02 4.65
CA SER A 77 -6.01 17.05 5.54
C SER A 77 -6.99 15.97 6.01
N LEU A 78 -8.20 16.38 6.35
CA LEU A 78 -9.23 15.42 6.74
C LEU A 78 -9.62 14.54 5.55
N LEU A 79 -9.81 15.16 4.39
CA LEU A 79 -10.18 14.43 3.18
C LEU A 79 -9.10 13.46 2.76
N ASN A 80 -7.86 13.79 3.06
CA ASN A 80 -6.74 12.95 2.65
C ASN A 80 -6.45 11.85 3.67
N ASN A 81 -7.28 11.77 4.70
CA ASN A 81 -7.20 10.68 5.66
C ASN A 81 -8.35 9.70 5.46
N LYS A 82 -8.01 8.44 5.18
CA LYS A 82 -9.02 7.45 4.82
C LYS A 82 -10.01 7.19 5.96
N HIS A 83 -9.56 7.36 7.19
CA HIS A 83 -10.43 7.10 8.34
C HIS A 83 -11.51 8.18 8.47
N PHE A 84 -11.28 9.33 7.87
CA PHE A 84 -12.31 10.36 7.83
C PHE A 84 -13.24 10.19 6.64
N LEU A 85 -12.64 10.04 5.46
CA LEU A 85 -13.36 10.03 4.19
C LEU A 85 -14.35 8.87 4.10
N ILE A 86 -13.89 7.66 4.35
CA ILE A 86 -14.75 6.48 4.35
C ILE A 86 -15.96 6.65 5.26
N VAL A 87 -15.74 7.15 6.47
CA VAL A 87 -16.82 7.40 7.41
C VAL A 87 -17.73 8.51 6.89
N PHE A 88 -17.11 9.55 6.35
CA PHE A 88 -17.82 10.69 5.76
C PHE A 88 -18.81 10.27 4.68
N VAL A 89 -18.34 9.44 3.76
CA VAL A 89 -19.18 8.98 2.64
C VAL A 89 -20.29 8.07 3.14
N HIS A 90 -19.93 7.08 3.94
CA HIS A 90 -20.89 6.12 4.46
C HIS A 90 -21.98 6.82 5.25
N ALA A 91 -21.62 7.91 5.92
CA ALA A 91 -22.58 8.66 6.73
C ALA A 91 -23.58 9.42 5.86
N LEU A 92 -23.08 10.07 4.82
CA LEU A 92 -23.94 10.81 3.90
C LEU A 92 -24.91 9.90 3.18
N GLU A 93 -24.45 8.70 2.84
CA GLU A 93 -25.26 7.76 2.09
C GLU A 93 -26.36 7.13 2.94
N GLN A 94 -26.21 7.20 4.25
CA GLN A 94 -27.22 6.66 5.15
C GLN A 94 -28.42 7.59 5.24
N GLN A 95 -28.23 8.83 4.78
CA GLN A 95 -29.29 9.83 4.84
C GLN A 95 -30.37 9.56 3.79
N LYS A 96 -31.62 9.66 4.22
CA LYS A 96 -32.76 9.47 3.32
C LYS A 96 -32.98 10.69 2.43
N ASP A 97 -32.31 11.79 2.73
CA ASP A 97 -32.48 13.03 1.98
C ASP A 97 -31.23 13.37 1.17
N PHE A 98 -30.29 12.43 1.10
CA PHE A 98 -29.11 12.59 0.27
C PHE A 98 -29.40 12.00 -1.11
N ALA A 99 -29.91 12.83 -2.02
CA ALA A 99 -30.42 12.38 -3.31
C ALA A 99 -29.35 11.77 -4.21
N VAL A 100 -29.80 10.98 -5.19
CA VAL A 100 -28.92 10.28 -6.12
C VAL A 100 -27.97 11.25 -6.84
N ARG A 101 -28.48 12.39 -7.27
CA ARG A 101 -27.64 13.38 -7.93
C ARG A 101 -26.59 13.94 -6.96
N ASP A 102 -26.95 14.08 -5.69
CA ASP A 102 -26.02 14.53 -4.66
C ASP A 102 -24.88 13.53 -4.50
N ARG A 103 -25.22 12.25 -4.43
CA ARG A 103 -24.22 11.20 -4.33
C ARG A 103 -23.28 11.19 -5.54
N CYS A 104 -23.80 11.65 -6.68
CA CYS A 104 -23.01 11.70 -7.91
C CYS A 104 -22.18 12.98 -7.95
N SER A 105 -22.80 14.08 -7.54
CA SER A 105 -22.10 15.35 -7.44
C SER A 105 -20.99 15.27 -6.41
N LEU A 106 -21.26 14.57 -5.31
CA LEU A 106 -20.23 14.35 -4.29
C LEU A 106 -19.08 13.55 -4.87
N ALA A 107 -19.40 12.47 -5.56
CA ALA A 107 -18.38 11.60 -6.14
C ALA A 107 -17.45 12.35 -7.10
N SER A 108 -18.02 13.20 -7.96
CA SER A 108 -17.23 13.91 -8.96
C SER A 108 -16.36 14.99 -8.32
N LEU A 109 -16.93 15.72 -7.36
CA LEU A 109 -16.17 16.72 -6.60
C LEU A 109 -14.96 16.07 -5.94
N LEU A 110 -15.16 14.86 -5.42
CA LEU A 110 -14.08 14.09 -4.83
C LEU A 110 -13.00 13.72 -5.86
N THR A 111 -13.43 13.38 -7.06
CA THR A 111 -12.48 12.98 -8.11
C THR A 111 -11.61 14.17 -8.50
N ILE A 112 -12.22 15.35 -8.55
CA ILE A 112 -11.50 16.55 -8.95
C ILE A 112 -10.58 17.03 -7.84
N ALA A 113 -11.10 17.08 -6.62
CA ALA A 113 -10.32 17.50 -5.46
C ALA A 113 -9.10 16.58 -5.27
N LEU A 114 -9.33 15.29 -5.40
CA LEU A 114 -8.29 14.30 -5.16
C LEU A 114 -7.50 13.93 -6.41
N HIS A 115 -7.68 14.71 -7.48
CA HIS A 115 -7.09 14.37 -8.78
C HIS A 115 -5.57 14.39 -8.74
N GLY A 116 -5.00 15.20 -7.86
CA GLY A 116 -3.57 15.29 -7.69
C GLY A 116 -3.03 14.14 -6.85
N LYS A 117 -3.94 13.44 -6.19
CA LYS A 117 -3.59 12.27 -5.39
C LYS A 117 -4.34 11.04 -5.90
N LEU A 118 -4.05 10.62 -7.12
CA LEU A 118 -4.81 9.56 -7.77
C LEU A 118 -4.64 8.19 -7.13
N GLU A 119 -3.43 7.92 -6.62
CA GLU A 119 -3.17 6.67 -5.92
C GLU A 119 -4.06 6.53 -4.68
N TYR A 120 -4.14 7.59 -3.89
CA TYR A 120 -4.99 7.61 -2.71
C TYR A 120 -6.47 7.52 -3.10
N TYR A 121 -6.83 8.25 -4.15
CA TYR A 121 -8.19 8.23 -4.67
C TYR A 121 -8.61 6.81 -5.04
N THR A 122 -7.74 6.11 -5.75
CA THR A 122 -8.01 4.75 -6.19
C THR A 122 -8.28 3.82 -5.00
N SER A 123 -7.37 3.84 -4.02
CA SER A 123 -7.52 2.98 -2.84
C SER A 123 -8.80 3.26 -2.05
N ILE A 124 -9.20 4.53 -1.99
CA ILE A 124 -10.49 4.89 -1.41
C ILE A 124 -11.62 4.20 -2.18
N MET A 125 -11.59 4.35 -3.50
CA MET A 125 -12.58 3.74 -4.38
C MET A 125 -12.68 2.24 -4.20
N LYS A 126 -11.52 1.59 -4.09
CA LYS A 126 -11.48 0.15 -3.94
C LYS A 126 -12.08 -0.32 -2.62
N GLU A 127 -11.73 0.35 -1.53
CA GLU A 127 -12.31 0.00 -0.23
C GLU A 127 -13.82 0.18 -0.29
N LEU A 128 -14.25 1.32 -0.83
CA LEU A 128 -15.67 1.60 -0.96
C LEU A 128 -16.38 0.59 -1.86
N LEU A 129 -15.66 0.06 -2.84
CA LEU A 129 -16.20 -0.97 -3.73
C LEU A 129 -16.38 -2.29 -2.99
N VAL A 130 -15.43 -2.61 -2.12
CA VAL A 130 -15.53 -3.81 -1.29
C VAL A 130 -16.78 -3.72 -0.41
N ASP A 131 -17.00 -2.54 0.16
CA ASP A 131 -18.17 -2.31 1.00
C ASP A 131 -19.45 -2.51 0.19
N LEU A 132 -19.42 -2.08 -1.07
CA LEU A 132 -20.56 -2.25 -1.96
C LEU A 132 -20.81 -3.73 -2.24
N ILE A 133 -19.74 -4.48 -2.49
CA ILE A 133 -19.86 -5.89 -2.81
C ILE A 133 -20.30 -6.70 -1.58
N ASP A 134 -19.69 -6.39 -0.43
CA ASP A 134 -20.05 -7.05 0.82
C ASP A 134 -21.51 -6.80 1.18
N ALA A 135 -22.00 -5.61 0.84
CA ALA A 135 -23.38 -5.25 1.16
C ALA A 135 -24.35 -5.97 0.23
N SER A 136 -23.85 -6.41 -0.91
CA SER A 136 -24.70 -7.10 -1.90
C SER A 136 -24.43 -8.60 -1.88
N ALA A 137 -24.08 -9.12 -0.71
CA ALA A 137 -23.75 -10.54 -0.56
C ALA A 137 -24.99 -11.41 -0.43
N ALA A 138 -26.13 -10.78 -0.19
CA ALA A 138 -27.40 -11.50 -0.10
C ALA A 138 -28.19 -11.35 -1.39
N LYS A 139 -27.64 -10.62 -2.34
CA LYS A 139 -28.29 -10.39 -3.62
C LYS A 139 -27.54 -11.08 -4.75
N ASN A 140 -28.18 -11.14 -5.92
CA ASN A 140 -27.59 -11.74 -7.11
C ASN A 140 -26.34 -10.98 -7.56
N PRO A 141 -25.18 -11.65 -7.56
CA PRO A 141 -23.91 -11.05 -7.99
C PRO A 141 -23.96 -10.56 -9.44
N LYS A 142 -24.91 -11.05 -10.23
CA LYS A 142 -25.04 -10.63 -11.62
C LYS A 142 -25.68 -9.24 -11.75
N LEU A 143 -26.19 -8.71 -10.64
CA LEU A 143 -26.84 -7.41 -10.63
C LEU A 143 -25.87 -6.30 -10.22
N MET A 144 -24.64 -6.68 -9.95
CA MET A 144 -23.61 -5.74 -9.50
C MET A 144 -23.26 -4.69 -10.55
N LEU A 145 -23.13 -3.45 -10.11
CA LEU A 145 -22.59 -2.35 -10.91
C LEU A 145 -23.39 -2.03 -12.18
N ARG A 146 -24.64 -2.49 -12.25
CA ARG A 146 -25.45 -2.24 -13.42
C ARG A 146 -25.94 -0.79 -13.48
N ARG A 147 -26.15 -0.19 -12.32
CA ARG A 147 -26.63 1.20 -12.26
C ARG A 147 -25.62 2.11 -11.58
N THR A 148 -25.98 3.38 -11.42
CA THR A 148 -25.13 4.34 -10.73
C THR A 148 -25.92 5.09 -9.66
N GLU A 149 -26.28 4.38 -8.59
CA GLU A 149 -27.09 4.95 -7.52
C GLU A 149 -26.31 5.07 -6.22
N SER A 150 -24.99 5.15 -6.33
CA SER A 150 -24.15 5.27 -5.15
C SER A 150 -22.89 6.06 -5.48
N VAL A 151 -22.24 6.57 -4.44
CA VAL A 151 -21.05 7.39 -4.57
C VAL A 151 -19.91 6.65 -5.27
N VAL A 152 -19.74 5.37 -4.94
CA VAL A 152 -18.64 4.57 -5.47
C VAL A 152 -18.85 4.23 -6.95
N GLU A 153 -20.08 3.95 -7.32
CA GLU A 153 -20.40 3.64 -8.70
C GLU A 153 -20.04 4.80 -9.61
N LYS A 154 -20.36 6.01 -9.17
CA LYS A 154 -20.00 7.20 -9.94
C LYS A 154 -18.50 7.42 -9.93
N MET A 155 -17.84 7.05 -8.82
CA MET A 155 -16.40 7.19 -8.72
C MET A 155 -15.75 6.29 -9.75
N LEU A 156 -16.33 5.11 -9.94
CA LEU A 156 -15.84 4.14 -10.91
C LEU A 156 -15.86 4.74 -12.33
N THR A 157 -16.98 5.38 -12.66
CA THR A 157 -17.15 5.98 -13.97
C THR A 157 -16.12 7.08 -14.22
N ASN A 158 -15.84 7.87 -13.20
CA ASN A 158 -14.85 8.95 -13.31
C ASN A 158 -13.42 8.40 -13.39
N TRP A 159 -13.17 7.28 -12.73
CA TRP A 159 -11.87 6.63 -12.79
C TRP A 159 -11.63 6.07 -14.19
N MET A 160 -12.63 5.39 -14.71
CA MET A 160 -12.56 4.82 -16.05
C MET A 160 -12.35 5.93 -17.07
N SER A 161 -13.13 7.00 -16.96
CA SER A 161 -13.02 8.14 -17.85
C SER A 161 -11.61 8.73 -17.86
N ILE A 162 -11.07 8.97 -16.67
CA ILE A 162 -9.72 9.49 -16.53
C ILE A 162 -8.71 8.57 -17.22
N CYS A 163 -8.86 7.27 -17.00
CA CYS A 163 -7.90 6.28 -17.46
C CYS A 163 -8.03 5.94 -18.95
N MET A 164 -9.18 6.27 -19.56
CA MET A 164 -9.39 5.95 -20.96
C MET A 164 -9.20 7.15 -21.90
N TYR A 165 -8.96 8.33 -21.32
CA TYR A 165 -8.73 9.52 -22.15
C TYR A 165 -7.51 9.35 -23.03
N GLY A 166 -6.52 8.60 -22.54
CA GLY A 166 -5.32 8.33 -23.30
C GLY A 166 -5.66 7.47 -24.50
N CYS A 167 -6.53 6.48 -24.27
CA CYS A 167 -6.96 5.57 -25.32
C CYS A 167 -7.62 6.35 -26.46
N LEU A 168 -8.53 7.26 -26.09
CA LEU A 168 -9.22 8.10 -27.06
C LEU A 168 -8.25 8.92 -27.91
N ARG A 169 -7.34 9.63 -27.25
CA ARG A 169 -6.40 10.49 -27.96
C ARG A 169 -5.42 9.72 -28.84
N GLU A 170 -5.19 8.46 -28.52
CA GLU A 170 -4.15 7.67 -29.18
C GLU A 170 -4.67 6.70 -30.24
N THR A 171 -5.80 6.04 -29.98
CA THR A 171 -6.28 5.01 -30.89
C THR A 171 -7.75 5.13 -31.27
N VAL A 172 -8.63 5.30 -30.28
CA VAL A 172 -10.06 5.18 -30.51
C VAL A 172 -10.71 6.47 -31.03
N GLY A 173 -10.12 7.61 -30.70
CA GLY A 173 -10.67 8.89 -31.10
C GLY A 173 -10.78 9.09 -32.60
N GLU A 174 -9.80 8.59 -33.35
CA GLU A 174 -9.78 8.80 -34.80
C GLU A 174 -10.86 8.00 -35.55
N PRO A 175 -10.96 6.67 -35.34
CA PRO A 175 -12.02 5.93 -36.02
C PRO A 175 -13.41 6.35 -35.60
N PHE A 176 -13.56 6.77 -34.36
CA PHE A 176 -14.85 7.25 -33.86
C PHE A 176 -15.25 8.51 -34.62
N PHE A 177 -14.31 9.42 -34.83
CA PHE A 177 -14.59 10.67 -35.52
C PHE A 177 -14.89 10.42 -37.00
N LEU A 178 -14.16 9.47 -37.58
CA LEU A 178 -14.38 9.08 -38.97
C LEU A 178 -15.77 8.48 -39.15
N LEU A 179 -16.17 7.67 -38.18
CA LEU A 179 -17.51 7.07 -38.21
C LEU A 179 -18.56 8.17 -38.17
N LEU A 180 -18.36 9.15 -37.31
CA LEU A 180 -19.27 10.29 -37.21
C LEU A 180 -19.33 11.05 -38.52
N CYS A 181 -18.17 11.24 -39.15
CA CYS A 181 -18.12 11.92 -40.43
C CYS A 181 -18.85 11.13 -41.52
N ALA A 182 -18.71 9.81 -41.49
CA ALA A 182 -19.36 8.94 -42.46
C ALA A 182 -20.86 8.87 -42.24
N ILE A 183 -21.28 8.93 -40.98
CA ILE A 183 -22.70 8.93 -40.65
C ILE A 183 -23.36 10.19 -41.21
N LYS A 184 -22.72 11.33 -40.98
CA LYS A 184 -23.21 12.61 -41.44
C LYS A 184 -23.23 12.69 -42.95
N GLN A 185 -22.17 12.18 -43.57
CA GLN A 185 -22.04 12.18 -45.02
C GLN A 185 -23.15 11.38 -45.68
N GLN A 186 -23.43 10.21 -45.12
CA GLN A 186 -24.41 9.29 -45.71
C GLN A 186 -25.83 9.81 -45.64
N ILE A 187 -26.18 10.45 -44.53
CA ILE A 187 -27.52 11.01 -44.37
C ILE A 187 -27.74 12.19 -45.31
N ASN A 188 -26.68 12.96 -45.54
CA ASN A 188 -26.76 14.11 -46.43
C ASN A 188 -26.90 13.73 -47.90
N LYS A 189 -26.80 12.43 -48.18
CA LYS A 189 -26.99 11.94 -49.54
C LYS A 189 -28.43 12.14 -49.99
N GLY A 190 -29.36 12.04 -49.07
CA GLY A 190 -30.77 12.18 -49.38
C GLY A 190 -31.44 13.31 -48.64
N SER A 191 -32.75 13.45 -48.82
CA SER A 191 -33.52 14.51 -48.19
C SER A 191 -33.62 14.33 -46.68
N ILE A 192 -33.78 15.45 -45.97
CA ILE A 192 -34.04 15.43 -44.54
C ILE A 192 -35.17 16.42 -44.21
N ASP A 193 -36.18 15.95 -43.47
CA ASP A 193 -37.26 16.82 -43.06
C ASP A 193 -36.77 17.78 -41.98
N ALA A 194 -37.01 19.07 -42.18
CA ALA A 194 -36.53 20.10 -41.27
C ALA A 194 -37.26 20.02 -39.93
N ILE A 195 -38.53 19.67 -39.96
CA ILE A 195 -39.33 19.61 -38.74
C ILE A 195 -39.17 18.28 -38.00
N THR A 196 -39.59 17.20 -38.64
CA THR A 196 -39.59 15.88 -38.00
C THR A 196 -38.19 15.29 -37.87
N GLY A 197 -37.28 15.68 -38.76
CA GLY A 197 -35.92 15.17 -38.73
C GLY A 197 -35.76 13.85 -39.46
N LYS A 198 -36.84 13.38 -40.08
CA LYS A 198 -36.81 12.12 -40.81
C LYS A 198 -36.05 12.28 -42.11
N ALA A 199 -35.35 11.23 -42.52
CA ALA A 199 -34.51 11.31 -43.71
C ALA A 199 -34.65 10.07 -44.59
N ARG A 200 -34.01 10.10 -45.75
CA ARG A 200 -34.00 8.95 -46.65
C ARG A 200 -33.08 7.86 -46.12
N TYR A 201 -31.89 8.26 -45.67
CA TYR A 201 -30.93 7.33 -45.12
C TYR A 201 -30.86 7.47 -43.60
N THR A 202 -30.84 6.34 -42.91
CA THR A 202 -30.75 6.31 -41.46
C THR A 202 -30.52 4.87 -40.98
N LEU A 203 -30.17 4.70 -39.71
CA LEU A 203 -30.06 3.37 -39.12
C LEU A 203 -31.29 3.05 -38.27
N ASN A 204 -32.05 4.10 -37.94
CA ASN A 204 -33.20 3.94 -37.07
C ASN A 204 -34.51 3.90 -37.86
N GLU A 205 -35.21 2.78 -37.72
CA GLU A 205 -36.46 2.52 -38.43
C GLU A 205 -37.50 3.61 -38.19
N GLU A 206 -37.42 4.27 -37.03
CA GLU A 206 -38.40 5.28 -36.64
C GLU A 206 -38.16 6.64 -37.28
N TRP A 207 -36.99 6.82 -37.90
CA TRP A 207 -36.64 8.10 -38.50
C TRP A 207 -36.64 8.07 -40.02
N LEU A 208 -37.17 7.00 -40.61
CA LEU A 208 -37.26 6.89 -42.05
C LEU A 208 -38.29 7.86 -42.62
N LEU A 209 -37.89 8.63 -43.61
CA LEU A 209 -38.81 9.50 -44.32
C LEU A 209 -39.78 8.62 -45.11
N ARG A 210 -40.88 8.23 -44.46
CA ARG A 210 -41.80 7.26 -45.04
C ARG A 210 -42.64 7.82 -46.18
N GLU A 211 -42.16 8.89 -46.79
CA GLU A 211 -42.81 9.45 -47.96
C GLU A 211 -41.90 9.34 -49.16
N ASN A 212 -42.49 9.19 -50.34
CA ASN A 212 -41.74 9.12 -51.59
C ASN A 212 -41.74 10.47 -52.28
N ILE A 213 -40.63 11.20 -52.16
CA ILE A 213 -40.54 12.55 -52.68
C ILE A 213 -39.34 12.71 -53.62
N GLU A 214 -39.58 13.28 -54.80
CA GLU A 214 -38.54 13.52 -55.78
C GLU A 214 -37.55 14.54 -55.26
N ALA A 215 -36.26 14.21 -55.32
CA ALA A 215 -35.21 15.11 -54.84
C ALA A 215 -33.94 14.97 -55.66
N LYS A 216 -33.59 16.03 -56.38
CA LYS A 216 -32.36 16.04 -57.17
C LYS A 216 -31.30 16.91 -56.49
N PRO A 217 -30.03 16.47 -56.56
CA PRO A 217 -28.94 17.26 -55.99
C PRO A 217 -28.79 18.62 -56.67
N ARG A 218 -28.14 19.55 -56.00
CA ARG A 218 -27.96 20.89 -56.54
C ARG A 218 -26.62 21.46 -56.08
N ASN A 219 -25.84 21.97 -57.03
CA ASN A 219 -24.55 22.57 -56.71
C ASN A 219 -24.64 24.09 -56.71
N LEU A 220 -24.06 24.72 -55.69
CA LEU A 220 -24.21 26.16 -55.49
C LEU A 220 -22.85 26.85 -55.29
N ASN A 221 -22.54 27.80 -56.17
CA ASN A 221 -21.33 28.60 -56.00
C ASN A 221 -21.55 29.71 -54.98
N VAL A 222 -21.14 29.45 -53.75
CA VAL A 222 -21.44 30.31 -52.62
C VAL A 222 -20.26 31.19 -52.22
N SER A 223 -20.55 32.43 -51.82
CA SER A 223 -19.54 33.36 -51.36
C SER A 223 -19.71 33.67 -49.88
N PHE A 224 -18.64 34.12 -49.24
CA PHE A 224 -18.68 34.47 -47.82
C PHE A 224 -17.72 35.62 -47.52
N GLN A 225 -18.27 36.83 -47.49
CA GLN A 225 -17.47 38.03 -47.24
C GLN A 225 -16.82 38.01 -45.87
N ASP A 230 -12.97 34.18 -51.17
CA ASP A 230 -12.91 33.17 -52.21
C ASP A 230 -14.25 32.44 -52.36
N SER A 231 -14.66 32.22 -53.61
CA SER A 231 -15.92 31.54 -53.90
C SER A 231 -15.78 30.03 -53.83
N LEU A 232 -16.74 29.36 -53.21
CA LEU A 232 -16.71 27.91 -53.07
C LEU A 232 -18.00 27.24 -53.55
N SER A 233 -17.92 25.93 -53.78
CA SER A 233 -19.06 25.16 -54.27
C SER A 233 -19.61 24.23 -53.20
N VAL A 234 -20.92 24.28 -52.99
CA VAL A 234 -21.58 23.45 -51.98
C VAL A 234 -22.75 22.67 -52.58
N ARG A 235 -22.84 21.39 -52.26
CA ARG A 235 -23.92 20.53 -52.75
C ARG A 235 -25.06 20.46 -51.75
N ALA A 236 -26.29 20.54 -52.26
CA ALA A 236 -27.48 20.41 -51.43
C ALA A 236 -28.54 19.58 -52.14
N MET A 237 -29.78 19.72 -51.72
CA MET A 237 -30.90 19.04 -52.36
C MET A 237 -32.00 20.03 -52.67
N ASP A 238 -32.88 19.68 -53.61
CA ASP A 238 -34.02 20.53 -53.95
C ASP A 238 -34.92 20.74 -52.74
N THR A 239 -35.17 19.66 -52.02
CA THR A 239 -36.11 19.67 -50.91
C THR A 239 -35.53 20.36 -49.67
N ASP A 240 -34.26 20.72 -49.71
CA ASP A 240 -33.61 21.35 -48.57
C ASP A 240 -34.17 22.74 -48.30
N THR A 241 -34.57 22.98 -47.06
CA THR A 241 -34.96 24.31 -46.62
C THR A 241 -33.74 25.20 -46.61
N LEU A 242 -33.96 26.51 -46.53
CA LEU A 242 -32.86 27.46 -46.61
C LEU A 242 -32.05 27.50 -45.33
N THR A 243 -32.65 27.06 -44.22
CA THR A 243 -31.91 26.86 -43.00
C THR A 243 -30.92 25.72 -43.21
N GLN A 244 -31.43 24.62 -43.75
CA GLN A 244 -30.61 23.46 -44.04
C GLN A 244 -29.47 23.79 -45.01
N VAL A 245 -29.77 24.62 -46.01
CA VAL A 245 -28.76 25.03 -46.98
C VAL A 245 -27.70 25.91 -46.30
N LYS A 246 -28.14 26.88 -45.50
CA LYS A 246 -27.23 27.70 -44.71
C LYS A 246 -26.31 26.84 -43.84
N GLU A 247 -26.86 25.75 -43.30
CA GLU A 247 -26.09 24.83 -42.48
C GLU A 247 -25.08 24.03 -43.33
N LYS A 248 -25.55 23.53 -44.47
CA LYS A 248 -24.68 22.77 -45.37
C LYS A 248 -23.55 23.63 -45.93
N ILE A 249 -23.82 24.91 -46.09
CA ILE A 249 -22.81 25.86 -46.56
C ILE A 249 -21.79 26.17 -45.46
N LEU A 250 -22.29 26.41 -44.25
CA LEU A 250 -21.43 26.70 -43.10
C LEU A 250 -20.41 25.60 -42.86
N GLU A 251 -20.79 24.35 -43.17
CA GLU A 251 -19.91 23.21 -42.96
C GLU A 251 -18.70 23.24 -43.89
N ALA A 252 -18.90 23.77 -45.09
CA ALA A 252 -17.81 23.83 -46.07
C ALA A 252 -16.82 24.93 -45.71
N PHE A 253 -17.32 26.11 -45.36
CA PHE A 253 -16.45 27.25 -45.06
C PHE A 253 -15.75 27.11 -43.72
N CYS A 254 -16.33 26.32 -42.83
CA CYS A 254 -15.76 26.15 -41.48
C CYS A 254 -15.25 24.73 -41.26
N LYS A 255 -14.63 24.16 -42.29
CA LYS A 255 -14.14 22.79 -42.23
C LYS A 255 -13.11 22.60 -41.11
N ASN A 256 -12.00 23.34 -41.21
CA ASN A 256 -10.93 23.24 -40.22
C ASN A 256 -11.18 24.16 -39.03
N VAL A 257 -12.40 24.15 -38.52
CA VAL A 257 -12.79 24.98 -37.39
C VAL A 257 -13.68 24.20 -36.42
N PRO A 258 -13.35 24.24 -35.12
CA PRO A 258 -14.19 23.62 -34.09
C PRO A 258 -15.60 24.22 -34.06
N TYR A 259 -16.59 23.40 -33.73
CA TYR A 259 -17.99 23.78 -33.86
C TYR A 259 -18.39 24.99 -33.02
N SER A 260 -17.77 25.15 -31.85
CA SER A 260 -18.10 26.27 -30.96
C SER A 260 -17.69 27.62 -31.54
N GLN A 261 -17.01 27.60 -32.67
CA GLN A 261 -16.56 28.83 -33.32
C GLN A 261 -17.31 29.08 -34.63
N TRP A 262 -18.27 28.21 -34.94
CA TRP A 262 -19.10 28.40 -36.13
C TRP A 262 -20.22 29.40 -35.87
N PRO A 263 -20.51 30.25 -36.84
CA PRO A 263 -21.74 31.05 -36.79
C PRO A 263 -22.97 30.15 -36.98
N ARG A 264 -24.16 30.68 -36.72
CA ARG A 264 -25.36 29.87 -36.81
C ARG A 264 -26.17 30.21 -38.06
N ALA A 265 -27.10 29.32 -38.41
CA ALA A 265 -27.94 29.51 -39.59
C ALA A 265 -28.81 30.75 -39.46
N GLU A 266 -29.37 30.96 -38.27
CA GLU A 266 -30.25 32.09 -38.03
C GLU A 266 -29.47 33.39 -37.87
N ASP A 267 -28.15 33.28 -37.88
CA ASP A 267 -27.28 34.46 -37.78
C ASP A 267 -26.88 34.95 -39.16
N VAL A 268 -26.93 34.07 -40.15
CA VAL A 268 -26.54 34.42 -41.51
C VAL A 268 -27.75 34.54 -42.44
N ASP A 269 -27.57 35.30 -43.52
CA ASP A 269 -28.57 35.39 -44.57
C ASP A 269 -28.00 34.80 -45.85
N LEU A 270 -28.88 34.45 -46.79
CA LEU A 270 -28.44 33.89 -48.06
C LEU A 270 -29.04 34.67 -49.23
N GLU A 271 -28.19 35.10 -50.15
CA GLU A 271 -28.63 35.95 -51.25
C GLU A 271 -28.37 35.32 -52.62
N TRP A 272 -29.41 35.28 -53.46
CA TRP A 272 -29.30 34.72 -54.80
C TRP A 272 -29.10 35.81 -55.86
N PHE A 273 -28.27 35.50 -56.86
CA PHE A 273 -28.05 36.42 -57.98
C PHE A 273 -28.69 35.88 -59.25
N ALA A 274 -29.98 36.13 -59.42
CA ALA A 274 -30.72 35.68 -60.58
C ALA A 274 -30.26 36.37 -61.86
N SER A 275 -30.24 37.70 -61.83
CA SER A 275 -29.77 38.46 -62.98
C SER A 275 -28.81 39.56 -62.54
N SER A 276 -28.74 40.64 -63.32
CA SER A 276 -27.82 41.73 -63.03
C SER A 276 -28.54 42.98 -62.52
N THR A 277 -29.85 42.88 -62.36
CA THR A 277 -30.65 44.01 -61.87
C THR A 277 -31.52 43.58 -60.69
N GLN A 278 -31.39 42.33 -60.28
CA GLN A 278 -32.24 41.82 -59.21
C GLN A 278 -31.59 40.69 -58.42
N SER A 279 -31.68 40.79 -57.09
CA SER A 279 -31.18 39.76 -56.21
C SER A 279 -32.25 39.43 -55.17
N TYR A 280 -32.22 38.22 -54.63
CA TYR A 280 -33.26 37.77 -53.72
C TYR A 280 -32.70 37.16 -52.44
N VAL A 281 -33.08 37.72 -51.31
CA VAL A 281 -32.71 37.17 -50.01
C VAL A 281 -33.55 35.91 -49.74
N LEU A 282 -32.88 34.79 -49.56
CA LEU A 282 -33.55 33.50 -49.43
C LEU A 282 -33.74 33.10 -47.98
N ARG A 283 -35.00 33.06 -47.54
CA ARG A 283 -35.35 32.71 -46.16
C ARG A 283 -36.37 31.58 -46.14
N ASP A 284 -36.46 30.89 -45.00
CA ASP A 284 -37.41 29.80 -44.83
C ASP A 284 -38.85 30.26 -45.06
N LEU A 285 -39.14 31.49 -44.63
CA LEU A 285 -40.48 32.04 -44.75
C LEU A 285 -40.46 33.51 -45.15
N ASP A 286 -41.31 33.87 -46.10
CA ASP A 286 -41.47 35.26 -46.54
C ASP A 286 -42.82 35.46 -47.20
N ASP A 287 -42.90 36.43 -48.11
CA ASP A 287 -44.14 36.73 -48.81
C ASP A 287 -44.53 35.62 -49.78
N THR A 288 -43.53 34.90 -50.29
CA THR A 288 -43.77 33.88 -51.30
C THR A 288 -44.25 32.56 -50.72
N SER A 289 -44.23 32.44 -49.40
CA SER A 289 -44.62 31.20 -48.73
C SER A 289 -46.07 30.81 -49.02
N VAL A 290 -46.29 29.53 -49.28
CA VAL A 290 -47.58 29.02 -49.70
C VAL A 290 -48.29 28.28 -48.55
N VAL A 291 -49.60 28.43 -48.47
CA VAL A 291 -50.40 27.70 -47.48
C VAL A 291 -51.13 26.54 -48.14
N GLU A 292 -51.03 25.35 -47.54
CA GLU A 292 -51.70 24.17 -48.05
C GLU A 292 -52.41 23.42 -46.93
N ASP A 293 -53.70 23.16 -47.14
CA ASP A 293 -54.54 22.45 -46.17
C ASP A 293 -54.51 23.10 -44.80
N GLY A 294 -54.38 24.43 -44.78
CA GLY A 294 -54.36 25.18 -43.53
C GLY A 294 -52.96 25.37 -42.99
N ARG A 295 -52.01 24.58 -43.48
CA ARG A 295 -50.63 24.64 -43.01
C ARG A 295 -49.73 25.35 -44.03
N LYS A 296 -48.61 25.88 -43.56
CA LYS A 296 -47.70 26.64 -44.41
C LYS A 296 -46.39 25.88 -44.66
N LYS A 297 -46.03 25.73 -45.93
CA LYS A 297 -44.82 25.00 -46.30
C LYS A 297 -43.57 25.89 -46.21
N LEU A 298 -42.50 25.33 -45.66
CA LEU A 298 -41.22 26.03 -45.59
C LEU A 298 -40.62 26.16 -46.97
N ASN A 299 -40.02 27.32 -47.25
CA ASN A 299 -39.42 27.59 -48.55
C ASN A 299 -38.21 26.70 -48.84
N THR A 300 -38.32 25.91 -49.90
CA THR A 300 -37.24 25.01 -50.30
C THR A 300 -36.37 25.65 -51.35
N LEU A 301 -35.34 24.93 -51.78
CA LEU A 301 -34.46 25.39 -52.84
C LEU A 301 -35.20 25.39 -54.17
N ALA A 302 -36.19 24.50 -54.28
CA ALA A 302 -36.99 24.38 -55.49
C ALA A 302 -38.19 25.34 -55.44
N HIS A 303 -38.48 25.87 -54.25
CA HIS A 303 -39.53 26.86 -54.10
C HIS A 303 -39.19 28.13 -54.88
N TYR A 304 -37.92 28.52 -54.83
CA TYR A 304 -37.43 29.67 -55.57
C TYR A 304 -36.97 29.26 -56.96
N LYS A 305 -36.96 27.94 -57.19
CA LYS A 305 -36.50 27.36 -58.45
C LYS A 305 -35.06 27.78 -58.74
N ILE A 306 -34.19 27.59 -57.74
CA ILE A 306 -32.78 27.90 -57.86
C ILE A 306 -32.10 26.94 -58.83
N PRO A 307 -31.54 27.47 -59.92
CA PRO A 307 -30.88 26.67 -60.96
C PRO A 307 -29.60 26.00 -60.49
N GLU A 308 -29.04 25.16 -61.35
CA GLU A 308 -27.80 24.44 -61.07
C GLU A 308 -26.61 25.38 -61.21
N GLY A 309 -25.73 25.38 -60.21
CA GLY A 309 -24.53 26.20 -60.25
C GLY A 309 -24.81 27.67 -59.95
N ALA A 310 -25.95 27.93 -59.34
CA ALA A 310 -26.36 29.30 -59.04
C ALA A 310 -25.42 29.96 -58.04
N SER A 311 -25.11 31.23 -58.28
CA SER A 311 -24.28 32.00 -57.36
C SER A 311 -25.08 32.48 -56.16
N LEU A 312 -24.59 32.15 -54.96
CA LEU A 312 -25.24 32.57 -53.74
C LEU A 312 -24.27 33.35 -52.85
N ALA A 313 -24.82 34.21 -51.99
CA ALA A 313 -23.99 35.00 -51.10
C ALA A 313 -24.47 34.91 -49.65
N MET A 314 -23.64 34.32 -48.79
CA MET A 314 -23.95 34.26 -47.37
C MET A 314 -23.29 35.42 -46.65
N SER A 315 -24.06 36.12 -45.83
CA SER A 315 -23.56 37.28 -45.09
C SER A 315 -24.14 37.32 -43.68
N LEU A 316 -23.38 37.90 -42.76
CA LEU A 316 -23.83 38.06 -41.37
C LEU A 316 -24.79 39.23 -41.26
N THR A 317 -25.58 39.23 -40.18
CA THR A 317 -26.53 40.31 -39.92
C THR A 317 -26.50 40.74 -38.46
N THR A 332 -43.10 23.84 -34.40
CA THR A 332 -44.40 23.53 -33.81
C THR A 332 -45.17 22.52 -34.67
N GLU A 333 -46.46 22.76 -34.85
CA GLU A 333 -47.31 21.88 -35.63
C GLU A 333 -48.26 22.66 -36.52
N LYS A 334 -47.86 23.88 -36.87
CA LYS A 334 -48.66 24.74 -37.73
C LYS A 334 -47.98 24.99 -39.06
N TYR A 335 -46.76 24.48 -39.19
CA TYR A 335 -45.97 24.65 -40.41
C TYR A 335 -45.31 23.34 -40.79
N PHE A 336 -45.35 22.98 -42.08
CA PHE A 336 -44.80 21.71 -42.53
C PHE A 336 -43.69 21.89 -43.56
N HIS A 337 -42.96 20.82 -43.82
CA HIS A 337 -41.87 20.84 -44.79
C HIS A 337 -42.13 19.85 -45.93
N LEU A 338 -41.98 18.56 -45.66
CA LEU A 338 -42.13 17.55 -46.69
C LEU A 338 -43.33 16.61 -46.44
N VAL A 339 -43.91 16.70 -45.24
CA VAL A 339 -45.06 15.88 -44.87
C VAL A 339 -46.27 16.18 -45.76
N LYS A 359 -45.54 -3.94 -37.32
CA LYS A 359 -45.78 -5.07 -38.20
C LYS A 359 -44.54 -5.40 -39.02
N VAL A 360 -44.70 -5.49 -40.34
CA VAL A 360 -43.61 -5.81 -41.24
C VAL A 360 -43.20 -4.60 -42.08
N LEU A 361 -41.90 -4.33 -42.13
CA LEU A 361 -41.36 -3.21 -42.89
C LEU A 361 -41.22 -3.57 -44.37
N PRO A 362 -41.70 -2.67 -45.25
CA PRO A 362 -41.63 -2.89 -46.71
C PRO A 362 -40.18 -2.94 -47.20
N GLU A 363 -40.00 -3.47 -48.41
CA GLU A 363 -38.66 -3.67 -48.96
C GLU A 363 -38.00 -2.36 -49.36
N ILE A 364 -38.79 -1.42 -49.86
CA ILE A 364 -38.27 -0.17 -50.40
C ILE A 364 -37.67 0.70 -49.29
N TYR A 365 -38.08 0.46 -48.05
CA TYR A 365 -37.51 1.16 -46.91
C TYR A 365 -36.39 0.33 -46.29
N LEU A 366 -36.52 -0.98 -46.39
CA LEU A 366 -35.56 -1.92 -45.83
C LEU A 366 -34.17 -1.70 -46.42
N THR A 367 -34.10 -1.53 -47.73
CA THR A 367 -32.81 -1.41 -48.41
C THR A 367 -32.18 -0.04 -48.18
N ARG A 368 -32.97 0.93 -47.76
CA ARG A 368 -32.45 2.24 -47.38
C ARG A 368 -31.72 2.15 -46.03
N LEU A 369 -32.16 1.21 -45.18
CA LEU A 369 -31.47 0.94 -43.94
C LEU A 369 -30.20 0.13 -44.20
N LEU A 370 -30.28 -0.78 -45.16
CA LEU A 370 -29.14 -1.64 -45.51
C LEU A 370 -28.00 -0.83 -46.12
N SER A 371 -28.35 0.13 -46.96
CA SER A 371 -27.35 0.97 -47.62
C SER A 371 -26.55 1.77 -46.61
N THR A 372 -27.25 2.34 -45.64
CA THR A 372 -26.61 3.17 -44.62
C THR A 372 -25.70 2.34 -43.73
N LYS A 373 -26.20 1.18 -43.29
CA LYS A 373 -25.39 0.23 -42.55
C LYS A 373 -24.20 -0.27 -43.36
N GLY A 374 -24.43 -0.54 -44.64
CA GLY A 374 -23.39 -1.04 -45.52
C GLY A 374 -22.25 -0.06 -45.74
N THR A 375 -22.60 1.23 -45.77
CA THR A 375 -21.59 2.27 -45.94
C THR A 375 -20.68 2.37 -44.72
N LEU A 376 -21.30 2.43 -43.54
CA LEU A 376 -20.59 2.66 -42.29
C LEU A 376 -19.90 1.40 -41.76
N GLN A 377 -20.26 0.24 -42.30
CA GLN A 377 -19.85 -1.04 -41.74
C GLN A 377 -18.33 -1.15 -41.51
N LYS A 378 -17.56 -0.66 -42.46
CA LYS A 378 -16.10 -0.63 -42.31
C LYS A 378 -15.68 0.26 -41.13
N PHE A 379 -16.26 1.45 -41.05
CA PHE A 379 -15.94 2.39 -40.00
C PHE A 379 -16.32 1.85 -38.62
N LEU A 380 -17.49 1.21 -38.55
CA LEU A 380 -18.01 0.68 -37.31
C LEU A 380 -17.17 -0.46 -36.77
N ASP A 381 -16.73 -1.33 -37.66
CA ASP A 381 -15.89 -2.46 -37.29
C ASP A 381 -14.56 -1.97 -36.73
N ASP A 382 -14.00 -0.94 -37.38
CA ASP A 382 -12.74 -0.33 -36.92
C ASP A 382 -12.87 0.20 -35.50
N LEU A 383 -14.01 0.82 -35.20
CA LEU A 383 -14.24 1.45 -33.91
C LEU A 383 -14.35 0.41 -32.79
N PHE A 384 -15.23 -0.57 -32.98
CA PHE A 384 -15.40 -1.64 -31.99
C PHE A 384 -14.09 -2.38 -31.75
N LYS A 385 -13.35 -2.62 -32.83
CA LYS A 385 -12.05 -3.27 -32.73
C LYS A 385 -11.09 -2.41 -31.90
N ALA A 386 -11.14 -1.11 -32.11
CA ALA A 386 -10.26 -0.18 -31.40
C ALA A 386 -10.55 -0.19 -29.90
N ILE A 387 -11.84 -0.25 -29.58
CA ILE A 387 -12.30 -0.26 -28.20
C ILE A 387 -12.05 -1.62 -27.53
N LEU A 388 -12.25 -2.69 -28.28
CA LEU A 388 -12.23 -4.04 -27.71
C LEU A 388 -10.97 -4.81 -28.09
N SER A 389 -9.83 -4.13 -28.13
CA SER A 389 -8.56 -4.80 -28.40
C SER A 389 -7.39 -4.05 -27.79
N ILE A 390 -6.33 -4.79 -27.49
CA ILE A 390 -5.14 -4.22 -26.85
C ILE A 390 -4.11 -3.76 -27.88
N ARG A 391 -3.61 -2.54 -27.72
CA ARG A 391 -2.51 -2.06 -28.53
C ARG A 391 -1.18 -2.42 -27.88
N GLU A 392 -0.32 -3.11 -28.63
CA GLU A 392 0.95 -3.59 -28.10
C GLU A 392 1.87 -2.46 -27.65
N ASP A 393 1.76 -1.31 -28.31
CA ASP A 393 2.63 -0.16 -28.02
C ASP A 393 2.32 0.43 -26.65
N LYS A 394 1.07 0.30 -26.23
CA LYS A 394 0.62 0.89 -24.97
C LYS A 394 -0.52 0.07 -24.34
N PRO A 395 -0.15 -0.97 -23.57
CA PRO A 395 -1.11 -1.83 -22.87
C PRO A 395 -2.01 -1.06 -21.91
N PRO A 396 -3.26 -1.51 -21.73
CA PRO A 396 -4.22 -0.83 -20.85
C PRO A 396 -3.96 -1.15 -19.39
N LEU A 397 -2.96 -0.51 -18.80
CA LEU A 397 -2.56 -0.77 -17.41
C LEU A 397 -3.73 -0.62 -16.45
N ALA A 398 -4.46 0.47 -16.58
CA ALA A 398 -5.60 0.74 -15.70
C ALA A 398 -6.68 -0.33 -15.80
N VAL A 399 -7.08 -0.67 -17.02
CA VAL A 399 -8.09 -1.69 -17.25
C VAL A 399 -7.65 -3.01 -16.64
N LYS A 400 -6.40 -3.36 -16.87
CA LYS A 400 -5.78 -4.56 -16.31
C LYS A 400 -5.80 -4.53 -14.78
N TYR A 401 -5.57 -3.34 -14.21
CA TYR A 401 -5.51 -3.21 -12.76
C TYR A 401 -6.88 -3.44 -12.12
N PHE A 402 -7.92 -2.88 -12.71
CA PHE A 402 -9.25 -3.01 -12.14
C PHE A 402 -9.84 -4.40 -12.38
N PHE A 403 -9.52 -4.99 -13.52
CA PHE A 403 -10.01 -6.33 -13.83
C PHE A 403 -9.35 -7.37 -12.94
N ASP A 404 -8.09 -7.15 -12.60
CA ASP A 404 -7.41 -8.01 -11.64
C ASP A 404 -8.10 -7.89 -10.28
N PHE A 405 -8.56 -6.69 -9.98
CA PHE A 405 -9.24 -6.42 -8.72
C PHE A 405 -10.59 -7.14 -8.64
N LEU A 406 -11.36 -7.09 -9.72
CA LEU A 406 -12.67 -7.73 -9.78
C LEU A 406 -12.56 -9.24 -9.63
N GLU A 407 -11.59 -9.82 -10.33
CA GLU A 407 -11.42 -11.28 -10.36
C GLU A 407 -10.95 -11.77 -9.00
N GLU A 408 -10.03 -11.02 -8.40
CA GLU A 408 -9.52 -11.33 -7.07
C GLU A 408 -10.62 -11.24 -6.03
N GLN A 409 -11.45 -10.21 -6.14
CA GLN A 409 -12.58 -10.03 -5.25
C GLN A 409 -13.63 -11.14 -5.39
N ALA A 410 -13.69 -11.76 -6.56
CA ALA A 410 -14.67 -12.82 -6.81
C ALA A 410 -14.23 -14.17 -6.23
N GLU A 411 -12.93 -14.43 -6.26
CA GLU A 411 -12.37 -15.67 -5.73
C GLU A 411 -12.55 -15.81 -4.23
N LYS A 412 -12.40 -14.69 -3.52
CA LYS A 412 -12.46 -14.66 -2.07
C LYS A 412 -13.84 -15.04 -1.53
N ARG A 413 -14.85 -14.96 -2.39
CA ARG A 413 -16.23 -15.12 -1.96
C ARG A 413 -16.90 -16.36 -2.57
N GLY A 414 -16.10 -17.19 -3.24
CA GLY A 414 -16.62 -18.39 -3.86
C GLY A 414 -17.50 -18.14 -5.07
N ILE A 415 -17.11 -17.18 -5.89
CA ILE A 415 -17.82 -16.87 -7.13
C ILE A 415 -16.96 -17.23 -8.33
N SER A 416 -17.11 -18.46 -8.82
CA SER A 416 -16.28 -18.94 -9.92
C SER A 416 -17.03 -18.93 -11.25
N ASP A 417 -18.33 -18.62 -11.18
CA ASP A 417 -19.19 -18.61 -12.36
C ASP A 417 -18.69 -17.60 -13.39
N PRO A 418 -18.19 -18.11 -14.53
CA PRO A 418 -17.60 -17.27 -15.58
C PRO A 418 -18.53 -16.16 -16.06
N ASP A 419 -19.83 -16.42 -16.06
CA ASP A 419 -20.81 -15.44 -16.51
C ASP A 419 -20.84 -14.20 -15.62
N THR A 420 -20.87 -14.41 -14.31
CA THR A 420 -20.93 -13.30 -13.36
C THR A 420 -19.70 -12.40 -13.50
N LEU A 421 -18.54 -13.01 -13.67
CA LEU A 421 -17.31 -12.26 -13.87
C LEU A 421 -17.37 -11.43 -15.13
N HIS A 422 -17.85 -12.04 -16.20
CA HIS A 422 -18.03 -11.35 -17.48
C HIS A 422 -18.97 -10.16 -17.29
N ILE A 423 -20.02 -10.38 -16.50
CA ILE A 423 -20.98 -9.32 -16.21
C ILE A 423 -20.34 -8.19 -15.41
N TRP A 424 -19.56 -8.55 -14.40
CA TRP A 424 -18.83 -7.57 -13.59
C TRP A 424 -17.93 -6.68 -14.45
N LYS A 425 -17.08 -7.30 -15.26
CA LYS A 425 -16.20 -6.56 -16.15
C LYS A 425 -16.98 -5.66 -17.09
N THR A 426 -18.05 -6.20 -17.66
CA THR A 426 -18.88 -5.46 -18.60
C THR A 426 -19.56 -4.27 -17.92
N ASN A 427 -20.07 -4.49 -16.71
CA ASN A 427 -20.74 -3.42 -15.98
C ASN A 427 -19.76 -2.42 -15.38
N SER A 428 -18.47 -2.61 -15.63
CA SER A 428 -17.44 -1.74 -15.09
C SER A 428 -16.84 -0.78 -16.11
N LEU A 429 -16.65 -1.25 -17.35
CA LEU A 429 -15.97 -0.44 -18.36
C LEU A 429 -16.77 -0.24 -19.66
N PRO A 430 -17.19 -1.33 -20.34
CA PRO A 430 -17.92 -1.09 -21.60
C PRO A 430 -19.25 -0.37 -21.41
N LEU A 431 -20.05 -0.77 -20.41
CA LEU A 431 -21.34 -0.14 -20.18
C LEU A 431 -21.21 1.17 -19.41
N ARG A 432 -20.20 1.27 -18.54
CA ARG A 432 -20.00 2.47 -17.73
C ARG A 432 -19.49 3.65 -18.54
N PHE A 433 -18.47 3.40 -19.34
CA PHE A 433 -17.81 4.49 -20.04
C PHE A 433 -18.17 4.52 -21.53
N TRP A 434 -17.93 3.43 -22.24
CA TRP A 434 -18.01 3.45 -23.70
C TRP A 434 -19.40 3.72 -24.28
N VAL A 435 -20.43 3.11 -23.69
CA VAL A 435 -21.79 3.28 -24.20
C VAL A 435 -22.20 4.75 -24.18
N ASN A 436 -21.90 5.43 -23.08
CA ASN A 436 -22.20 6.85 -22.97
C ASN A 436 -21.32 7.68 -23.90
N ILE A 437 -20.13 7.18 -24.19
CA ILE A 437 -19.23 7.85 -25.13
C ILE A 437 -19.77 7.74 -26.55
N LEU A 438 -20.23 6.55 -26.93
CA LEU A 438 -20.80 6.33 -28.25
C LEU A 438 -22.05 7.18 -28.46
N LYS A 439 -22.82 7.38 -27.39
CA LYS A 439 -24.06 8.16 -27.47
C LYS A 439 -23.81 9.66 -27.30
N ASN A 440 -22.61 10.03 -26.90
CA ASN A 440 -22.33 11.44 -26.64
C ASN A 440 -20.96 11.88 -27.15
N PRO A 441 -20.82 12.01 -28.48
CA PRO A 441 -19.54 12.43 -29.05
C PRO A 441 -19.09 13.81 -28.59
N GLN A 442 -20.02 14.64 -28.13
CA GLN A 442 -19.67 15.98 -27.66
C GLN A 442 -18.83 15.96 -26.38
N PHE A 443 -18.82 14.83 -25.70
CA PHE A 443 -17.97 14.65 -24.52
C PHE A 443 -16.49 14.63 -24.91
N VAL A 444 -16.23 14.34 -26.19
CA VAL A 444 -14.86 14.20 -26.68
C VAL A 444 -14.49 15.29 -27.68
N PHE A 445 -15.39 15.55 -28.63
CA PHE A 445 -15.09 16.52 -29.68
C PHE A 445 -15.93 17.78 -29.54
N ASP A 446 -15.39 18.90 -30.02
CA ASP A 446 -16.19 20.10 -30.16
C ASP A 446 -16.98 20.02 -31.47
N ILE A 447 -18.01 19.18 -31.48
CA ILE A 447 -18.83 19.00 -32.66
C ILE A 447 -20.32 19.23 -32.38
N GLU A 448 -21.14 19.11 -33.41
CA GLU A 448 -22.56 19.36 -33.30
C GLU A 448 -23.34 18.11 -32.87
N LYS A 449 -24.45 18.33 -32.17
CA LYS A 449 -25.36 17.27 -31.80
C LYS A 449 -26.70 17.48 -32.51
N THR A 450 -27.17 16.46 -33.20
CA THR A 450 -28.48 16.51 -33.84
C THR A 450 -29.30 15.32 -33.37
N ASP A 451 -30.61 15.49 -33.31
CA ASP A 451 -31.49 14.41 -32.89
C ASP A 451 -31.41 13.23 -33.84
N HIS A 452 -31.10 13.50 -35.09
CA HIS A 452 -31.02 12.44 -36.10
C HIS A 452 -29.77 11.60 -35.94
N ILE A 453 -28.60 12.25 -35.91
CA ILE A 453 -27.34 11.53 -35.72
C ILE A 453 -27.38 10.77 -34.39
N ASP A 454 -28.01 11.37 -33.39
CA ASP A 454 -28.22 10.71 -32.11
C ASP A 454 -29.00 9.39 -32.27
N ALA A 455 -30.02 9.42 -33.12
CA ALA A 455 -30.85 8.26 -33.37
C ALA A 455 -30.06 7.10 -33.98
N CYS A 456 -29.08 7.44 -34.81
CA CYS A 456 -28.22 6.42 -35.40
C CYS A 456 -27.25 5.89 -34.36
N LEU A 457 -26.68 6.78 -33.57
CA LEU A 457 -25.77 6.42 -32.49
C LEU A 457 -26.44 5.51 -31.47
N SER A 458 -27.75 5.68 -31.28
CA SER A 458 -28.51 4.82 -30.39
C SER A 458 -28.51 3.39 -30.91
N VAL A 459 -28.74 3.23 -32.21
CA VAL A 459 -28.74 1.91 -32.83
C VAL A 459 -27.36 1.28 -32.72
N ILE A 460 -26.33 2.05 -33.05
CA ILE A 460 -24.96 1.58 -32.93
C ILE A 460 -24.63 1.19 -31.50
N ALA A 461 -24.91 2.07 -30.56
CA ALA A 461 -24.58 1.83 -29.15
C ALA A 461 -25.31 0.61 -28.62
N GLN A 462 -26.56 0.43 -29.04
CA GLN A 462 -27.33 -0.74 -28.65
C GLN A 462 -26.67 -2.03 -29.17
N ALA A 463 -26.03 -1.95 -30.34
CA ALA A 463 -25.33 -3.11 -30.87
C ALA A 463 -24.09 -3.39 -30.02
N PHE A 464 -23.42 -2.33 -29.58
CA PHE A 464 -22.29 -2.48 -28.67
C PHE A 464 -22.75 -3.10 -27.35
N ILE A 465 -23.87 -2.59 -26.84
CA ILE A 465 -24.48 -3.13 -25.63
C ILE A 465 -24.81 -4.61 -25.79
N ASP A 466 -25.42 -4.96 -26.91
CA ASP A 466 -25.78 -6.35 -27.17
C ASP A 466 -24.55 -7.24 -27.32
N ALA A 467 -23.46 -6.65 -27.81
CA ALA A 467 -22.20 -7.36 -27.99
C ALA A 467 -21.62 -7.80 -26.64
N CYS A 468 -22.00 -7.08 -25.59
CA CYS A 468 -21.44 -7.31 -24.26
C CYS A 468 -22.26 -8.31 -23.46
N SER A 469 -23.48 -8.57 -23.90
CA SER A 469 -24.35 -9.53 -23.22
C SER A 469 -23.89 -10.97 -23.40
N ILE A 470 -24.76 -11.90 -23.02
CA ILE A 470 -24.43 -13.33 -23.09
C ILE A 470 -25.53 -14.14 -23.79
N SER A 471 -26.78 -13.68 -23.63
CA SER A 471 -27.93 -14.38 -24.21
C SER A 471 -28.00 -14.22 -25.73
N ASN A 482 -36.48 -3.16 -34.36
CA ASN A 482 -35.36 -2.21 -34.53
C ASN A 482 -34.03 -2.89 -34.21
N LYS A 483 -34.10 -4.08 -33.63
CA LYS A 483 -32.92 -4.86 -33.31
C LYS A 483 -32.68 -5.92 -34.37
N LEU A 484 -33.15 -5.66 -35.58
CA LEU A 484 -33.04 -6.61 -36.68
C LEU A 484 -31.88 -6.24 -37.60
N LEU A 485 -31.58 -4.95 -37.69
CA LEU A 485 -30.61 -4.43 -38.65
C LEU A 485 -29.21 -4.99 -38.43
N TYR A 486 -28.79 -5.09 -37.17
CA TYR A 486 -27.44 -5.53 -36.84
C TYR A 486 -27.40 -6.94 -36.28
N ALA A 487 -28.50 -7.67 -36.41
CA ALA A 487 -28.63 -8.99 -35.81
C ALA A 487 -27.53 -9.96 -36.24
N LYS A 488 -27.11 -9.87 -37.51
CA LYS A 488 -26.12 -10.79 -38.05
C LYS A 488 -24.70 -10.53 -37.52
N GLU A 489 -24.42 -9.29 -37.16
CA GLU A 489 -23.07 -8.88 -36.76
C GLU A 489 -22.73 -9.18 -35.30
N ILE A 490 -23.76 -9.20 -34.44
CA ILE A 490 -23.56 -9.32 -32.99
C ILE A 490 -22.78 -10.57 -32.53
N PRO A 491 -23.09 -11.77 -33.08
CA PRO A 491 -22.34 -12.94 -32.59
C PRO A 491 -20.82 -12.80 -32.73
N GLU A 492 -20.36 -12.16 -33.80
CA GLU A 492 -18.93 -11.93 -33.98
C GLU A 492 -18.39 -10.89 -33.01
N TYR A 493 -19.20 -9.88 -32.70
CA TYR A 493 -18.81 -8.87 -31.74
C TYR A 493 -18.63 -9.49 -30.35
N ARG A 494 -19.52 -10.40 -29.98
CA ARG A 494 -19.42 -11.09 -28.70
C ARG A 494 -18.12 -11.87 -28.59
N LYS A 495 -17.71 -12.48 -29.69
CA LYS A 495 -16.48 -13.27 -29.67
C LYS A 495 -15.28 -12.36 -29.52
N THR A 496 -15.37 -11.14 -30.04
CA THR A 496 -14.32 -10.16 -29.90
C THR A 496 -14.20 -9.71 -28.45
N VAL A 497 -15.35 -9.42 -27.83
CA VAL A 497 -15.39 -9.03 -26.43
C VAL A 497 -14.80 -10.12 -25.54
N GLN A 498 -15.16 -11.37 -25.82
CA GLN A 498 -14.63 -12.50 -25.07
C GLN A 498 -13.14 -12.65 -25.33
N ARG A 499 -12.72 -12.31 -26.55
CA ARG A 499 -11.31 -12.37 -26.92
C ARG A 499 -10.57 -11.20 -26.29
N TYR A 500 -11.30 -10.13 -25.99
CA TYR A 500 -10.72 -8.94 -25.38
C TYR A 500 -10.48 -9.15 -23.88
N TYR A 501 -11.49 -9.69 -23.18
CA TYR A 501 -11.36 -9.99 -21.76
C TYR A 501 -10.28 -11.05 -21.52
N LYS A 502 -10.05 -11.89 -22.53
CA LYS A 502 -9.02 -12.91 -22.43
C LYS A 502 -7.64 -12.28 -22.54
N GLN A 503 -7.53 -11.27 -23.41
CA GLN A 503 -6.26 -10.58 -23.62
C GLN A 503 -5.78 -9.94 -22.34
N ILE A 504 -6.70 -9.32 -21.62
CA ILE A 504 -6.40 -8.65 -20.36
C ILE A 504 -6.00 -9.66 -19.29
N GLN A 505 -6.55 -10.86 -19.36
CA GLN A 505 -6.14 -11.93 -18.46
C GLN A 505 -4.75 -12.46 -18.85
N ASP A 506 -4.39 -12.32 -20.12
CA ASP A 506 -3.16 -12.91 -20.63
C ASP A 506 -1.96 -11.99 -20.54
N MET A 507 -2.19 -10.69 -20.38
CA MET A 507 -1.07 -9.76 -20.26
C MET A 507 -0.44 -9.88 -18.88
N THR A 508 0.87 -9.65 -18.82
CA THR A 508 1.62 -9.80 -17.58
C THR A 508 1.06 -8.87 -16.51
N PRO A 509 0.94 -9.38 -15.27
CA PRO A 509 0.37 -8.60 -14.17
C PRO A 509 1.25 -7.41 -13.82
N LEU A 510 0.64 -6.27 -13.53
CA LEU A 510 1.39 -5.11 -13.09
C LEU A 510 1.30 -5.02 -11.56
N SER A 511 2.44 -4.75 -10.93
CA SER A 511 2.48 -4.67 -9.48
C SER A 511 1.81 -3.38 -9.00
N GLU A 512 1.71 -3.23 -7.69
CA GLU A 512 1.14 -2.02 -7.11
C GLU A 512 2.07 -0.83 -7.33
N GLN A 513 3.37 -1.08 -7.26
CA GLN A 513 4.35 -0.01 -7.42
C GLN A 513 4.35 0.54 -8.84
N GLU A 514 4.18 -0.35 -9.81
CA GLU A 514 4.11 0.04 -11.22
C GLU A 514 2.86 0.86 -11.53
N MET A 515 1.73 0.42 -10.99
CA MET A 515 0.46 1.10 -11.23
C MET A 515 0.42 2.45 -10.53
N ASN A 516 1.01 2.53 -9.34
CA ASN A 516 1.02 3.78 -8.59
C ASN A 516 1.93 4.82 -9.24
N ALA A 517 3.04 4.37 -9.82
CA ALA A 517 3.94 5.27 -10.55
C ALA A 517 3.22 5.85 -11.76
N HIS A 518 2.32 5.07 -12.35
CA HIS A 518 1.50 5.51 -13.46
C HIS A 518 0.49 6.56 -13.00
N LEU A 519 -0.22 6.24 -11.92
CA LEU A 519 -1.21 7.17 -11.36
C LEU A 519 -0.56 8.43 -10.82
N ALA A 520 0.68 8.31 -10.35
CA ALA A 520 1.42 9.47 -9.89
C ALA A 520 1.76 10.38 -11.06
N GLU A 521 2.22 9.77 -12.15
CA GLU A 521 2.56 10.50 -13.35
C GLU A 521 1.37 11.28 -13.89
N GLU A 522 0.20 10.66 -13.91
CA GLU A 522 -1.01 11.32 -14.40
C GLU A 522 -1.43 12.48 -13.50
N SER A 523 -1.19 12.34 -12.20
CA SER A 523 -1.50 13.41 -11.25
C SER A 523 -0.57 14.60 -11.47
N ARG A 524 0.70 14.31 -11.75
CA ARG A 524 1.69 15.34 -12.04
C ARG A 524 1.38 16.04 -13.35
N LYS A 525 0.89 15.27 -14.33
CA LYS A 525 0.59 15.78 -15.66
C LYS A 525 -0.49 16.84 -15.62
N TYR A 526 -1.63 16.50 -15.01
CA TYR A 526 -2.74 17.44 -14.91
C TYR A 526 -2.85 18.00 -13.50
N GLN A 527 -1.86 18.79 -13.09
CA GLN A 527 -1.80 19.29 -11.72
C GLN A 527 -2.36 20.71 -11.59
N ASN A 528 -2.12 21.55 -12.59
CA ASN A 528 -2.55 22.95 -12.53
C ASN A 528 -3.67 23.27 -13.51
N GLU A 529 -4.60 22.34 -13.67
CA GLU A 529 -5.71 22.53 -14.60
C GLU A 529 -7.05 22.64 -13.88
N PHE A 530 -7.19 21.92 -12.77
CA PHE A 530 -8.42 21.97 -12.00
C PHE A 530 -8.26 22.82 -10.75
N ASN A 531 -9.29 23.59 -10.43
CA ASN A 531 -9.29 24.44 -9.24
C ASN A 531 -9.80 23.67 -8.03
N THR A 532 -8.88 23.00 -7.35
CA THR A 532 -9.22 22.14 -6.22
C THR A 532 -9.87 22.88 -5.06
N ASN A 533 -9.56 24.18 -4.93
CA ASN A 533 -10.15 24.99 -3.86
C ASN A 533 -11.66 25.11 -3.96
N VAL A 534 -12.15 25.39 -5.17
CA VAL A 534 -13.58 25.44 -5.43
C VAL A 534 -14.21 24.08 -5.16
N ALA A 535 -13.52 23.03 -5.58
CA ALA A 535 -13.99 21.66 -5.37
C ALA A 535 -14.13 21.35 -3.88
N MET A 536 -13.14 21.77 -3.08
CA MET A 536 -13.17 21.57 -1.64
C MET A 536 -14.34 22.32 -1.00
N ALA A 537 -14.53 23.57 -1.41
CA ALA A 537 -15.58 24.40 -0.86
C ALA A 537 -16.97 23.81 -1.11
N GLU A 538 -17.15 23.21 -2.27
CA GLU A 538 -18.42 22.59 -2.62
C GLU A 538 -18.65 21.34 -1.79
N ILE A 539 -17.61 20.53 -1.63
CA ILE A 539 -17.68 19.35 -0.77
C ILE A 539 -18.04 19.76 0.66
N TYR A 540 -17.46 20.86 1.12
CA TYR A 540 -17.70 21.34 2.48
C TYR A 540 -19.17 21.60 2.75
N LYS A 541 -19.89 22.08 1.74
CA LYS A 541 -21.31 22.36 1.90
C LYS A 541 -22.10 21.12 2.30
N TYR A 542 -21.66 19.96 1.80
CA TYR A 542 -22.26 18.69 2.21
C TYR A 542 -21.89 18.42 3.66
N ALA A 543 -20.63 18.67 4.01
CA ALA A 543 -20.16 18.49 5.38
C ALA A 543 -20.90 19.41 6.35
N LYS A 544 -21.15 20.65 5.94
CA LYS A 544 -21.90 21.58 6.78
C LYS A 544 -23.34 21.11 6.92
N ARG A 545 -23.95 20.78 5.78
CA ARG A 545 -25.33 20.33 5.72
C ARG A 545 -25.60 19.15 6.65
N TYR A 546 -24.61 18.28 6.81
CA TYR A 546 -24.76 17.12 7.66
C TYR A 546 -23.80 17.15 8.85
N ARG A 547 -23.51 18.36 9.33
CA ARG A 547 -22.56 18.60 10.40
C ARG A 547 -22.77 17.72 11.66
N PRO A 548 -24.01 17.62 12.18
CA PRO A 548 -24.15 16.76 13.36
C PRO A 548 -24.08 15.26 13.04
N GLN A 549 -24.45 14.87 11.82
CA GLN A 549 -24.44 13.46 11.44
C GLN A 549 -23.02 12.93 11.29
N ILE A 550 -22.14 13.73 10.68
CA ILE A 550 -20.74 13.34 10.52
C ILE A 550 -20.06 13.23 11.88
N MET A 551 -20.38 14.18 12.77
CA MET A 551 -19.82 14.19 14.12
C MET A 551 -20.16 12.91 14.86
N ALA A 552 -21.43 12.52 14.79
CA ALA A 552 -21.89 11.28 15.42
C ALA A 552 -21.23 10.08 14.77
N ALA A 553 -21.14 10.08 13.45
CA ALA A 553 -20.53 8.98 12.71
C ALA A 553 -19.05 8.83 13.06
N LEU A 554 -18.37 9.96 13.26
CA LEU A 554 -16.95 9.95 13.59
C LEU A 554 -16.70 9.45 15.02
N GLU A 555 -17.63 9.75 15.92
CA GLU A 555 -17.47 9.32 17.31
C GLU A 555 -17.96 7.88 17.50
N ALA A 556 -18.82 7.42 16.60
CA ALA A 556 -19.26 6.04 16.61
C ALA A 556 -18.22 5.14 15.95
N ASN A 557 -17.23 5.76 15.31
CA ASN A 557 -16.10 5.04 14.74
C ASN A 557 -14.90 5.12 15.66
N PRO A 558 -14.59 4.02 16.38
CA PRO A 558 -13.53 4.00 17.40
C PRO A 558 -12.18 4.44 16.88
N THR A 559 -11.88 4.16 15.61
CA THR A 559 -10.61 4.60 15.03
C THR A 559 -10.59 6.10 14.84
N ALA A 560 -11.66 6.63 14.27
CA ALA A 560 -11.77 8.06 14.05
C ALA A 560 -11.81 8.80 15.37
N ARG A 561 -12.50 8.20 16.34
CA ARG A 561 -12.62 8.78 17.66
C ARG A 561 -11.27 8.86 18.38
N ARG A 562 -10.54 7.75 18.38
CA ARG A 562 -9.25 7.69 19.06
C ARG A 562 -8.23 8.68 18.50
N THR A 563 -8.28 8.90 17.19
CA THR A 563 -7.34 9.82 16.55
C THR A 563 -7.91 11.24 16.46
N GLN A 564 -8.94 11.50 17.27
CA GLN A 564 -9.50 12.85 17.42
C GLN A 564 -9.99 13.48 16.11
N LEU A 565 -10.58 12.66 15.24
CA LEU A 565 -11.05 13.17 13.96
C LEU A 565 -12.31 14.02 14.10
N GLN A 566 -13.14 13.71 15.09
CA GLN A 566 -14.35 14.49 15.33
C GLN A 566 -13.99 15.88 15.84
N HIS A 567 -12.82 15.99 16.47
CA HIS A 567 -12.33 17.28 16.93
C HIS A 567 -11.79 18.07 15.75
N LYS A 568 -11.01 17.39 14.92
CA LYS A 568 -10.45 18.01 13.73
C LYS A 568 -11.56 18.41 12.76
N PHE A 569 -12.64 17.63 12.71
CA PHE A 569 -13.77 17.96 11.85
C PHE A 569 -14.48 19.22 12.34
N GLU A 570 -14.65 19.33 13.66
CA GLU A 570 -15.29 20.50 14.25
C GLU A 570 -14.41 21.74 14.13
N GLN A 571 -13.09 21.53 14.14
CA GLN A 571 -12.14 22.63 13.96
C GLN A 571 -12.27 23.22 12.56
N VAL A 572 -12.48 22.36 11.58
CA VAL A 572 -12.67 22.80 10.20
C VAL A 572 -13.97 23.58 10.04
N VAL A 573 -15.06 23.02 10.54
CA VAL A 573 -16.36 23.67 10.51
C VAL A 573 -16.31 25.08 11.11
N ALA A 574 -15.72 25.17 12.29
CA ALA A 574 -15.56 26.44 13.00
C ALA A 574 -14.76 27.44 12.17
N LEU A 575 -13.63 26.98 11.65
CA LEU A 575 -12.75 27.84 10.87
C LEU A 575 -13.38 28.26 9.54
N MET A 576 -14.04 27.32 8.87
CA MET A 576 -14.69 27.60 7.59
C MET A 576 -15.83 28.61 7.73
N GLU A 577 -16.61 28.46 8.79
CA GLU A 577 -17.80 29.28 8.97
C GLU A 577 -17.42 30.71 9.34
N ASN A 578 -16.21 30.88 9.88
CA ASN A 578 -15.68 32.20 10.17
C ASN A 578 -15.16 32.87 8.91
N ASN A 579 -14.63 32.06 7.99
CA ASN A 579 -14.07 32.56 6.75
C ASN A 579 -15.15 32.95 5.75
N ILE A 580 -16.15 32.08 5.60
CA ILE A 580 -17.24 32.32 4.66
C ILE A 580 -17.99 33.61 4.98
N TYR A 581 -18.13 33.92 6.27
CA TYR A 581 -18.77 35.16 6.68
C TYR A 581 -17.89 36.36 6.38
N GLU A 582 -16.58 36.16 6.37
CA GLU A 582 -15.65 37.24 6.07
C GLU A 582 -15.69 37.61 4.59
N CYS A 583 -15.98 36.62 3.75
CA CYS A 583 -16.07 36.84 2.30
C CYS A 583 -17.43 37.38 1.91
N TYR A 584 -18.45 36.54 2.01
CA TYR A 584 -19.80 36.89 1.57
C TYR A 584 -20.55 37.77 2.56
N SER A 585 -20.63 37.30 3.80
CA SER A 585 -21.36 37.99 4.87
C SER A 585 -22.83 38.20 4.49
N GLY B 7 36.28 2.60 25.60
CA GLY B 7 35.45 2.15 24.50
C GLY B 7 34.41 1.15 24.93
N ILE B 8 33.35 1.00 24.13
CA ILE B 8 32.28 0.05 24.42
C ILE B 8 32.22 -1.05 23.36
N PRO B 9 32.33 -2.31 23.80
CA PRO B 9 32.43 -3.46 22.90
C PRO B 9 31.12 -3.83 22.19
N PHE B 10 30.56 -2.89 21.42
CA PHE B 10 29.37 -3.16 20.64
C PHE B 10 29.65 -4.17 19.54
N LEU B 11 28.68 -5.05 19.28
CA LEU B 11 28.76 -5.98 18.15
C LEU B 11 28.33 -5.30 16.87
N GLU B 12 28.86 -5.78 15.74
CA GLU B 12 28.39 -5.33 14.44
C GLU B 12 26.92 -5.70 14.29
N TYR B 13 26.24 -5.00 13.38
CA TYR B 13 24.83 -5.27 13.14
C TYR B 13 24.63 -6.71 12.69
N LYS B 14 25.54 -7.23 11.87
CA LYS B 14 25.36 -8.58 11.35
C LYS B 14 25.53 -9.63 12.44
N HIS B 15 26.45 -9.41 13.37
CA HIS B 15 26.68 -10.35 14.47
C HIS B 15 25.56 -10.29 15.52
N PHE B 16 24.99 -9.11 15.71
CA PHE B 16 23.83 -8.94 16.59
C PHE B 16 22.65 -9.76 16.05
N VAL B 17 22.36 -9.57 14.76
CA VAL B 17 21.30 -10.32 14.09
C VAL B 17 21.56 -11.82 14.11
N THR B 18 22.80 -12.20 13.81
CA THR B 18 23.25 -13.59 13.89
C THR B 18 22.88 -14.27 15.21
N ARG B 19 23.22 -13.62 16.33
CA ARG B 19 23.04 -14.23 17.65
C ARG B 19 21.59 -14.15 18.11
N THR B 20 20.91 -13.08 17.72
CA THR B 20 19.51 -12.90 18.08
C THR B 20 18.59 -13.86 17.33
N PHE B 21 18.75 -13.92 16.01
CA PHE B 21 17.84 -14.65 15.15
C PHE B 21 17.97 -16.18 15.27
N PHE B 22 19.17 -16.64 15.60
CA PHE B 22 19.42 -18.08 15.68
C PHE B 22 20.09 -18.48 16.99
N PRO B 23 19.29 -18.72 18.01
CA PRO B 23 19.81 -19.11 19.32
C PRO B 23 20.04 -20.62 19.39
N THR B 51 24.60 -17.17 12.20
CA THR B 51 25.59 -18.16 11.81
C THR B 51 26.62 -17.57 10.86
N HIS B 52 27.78 -18.22 10.77
CA HIS B 52 28.84 -17.84 9.83
C HIS B 52 28.44 -17.95 8.34
N PRO B 53 27.73 -19.03 7.93
CA PRO B 53 27.40 -19.13 6.50
C PRO B 53 26.53 -18.01 5.95
N LEU B 54 25.85 -17.27 6.83
CA LEU B 54 25.02 -16.15 6.40
C LEU B 54 25.81 -14.85 6.35
N LEU B 55 27.08 -14.93 6.72
CA LEU B 55 27.96 -13.75 6.75
C LEU B 55 28.98 -13.76 5.63
N GLY B 56 29.43 -14.95 5.23
CA GLY B 56 30.39 -15.09 4.16
C GLY B 56 29.77 -15.71 2.92
N GLU B 57 30.40 -15.48 1.78
CA GLU B 57 29.90 -16.05 0.53
C GLU B 57 30.11 -17.56 0.50
N TRP B 58 29.03 -18.28 0.21
CA TRP B 58 29.06 -19.75 0.17
C TRP B 58 30.09 -20.27 -0.81
N ASN B 59 30.89 -21.24 -0.35
CA ASN B 59 32.01 -21.76 -1.12
C ASN B 59 31.57 -22.80 -2.14
N ILE B 60 30.40 -22.60 -2.73
CA ILE B 60 29.93 -23.49 -3.79
C ILE B 60 30.79 -23.32 -5.04
N PRO B 61 30.96 -24.40 -5.82
CA PRO B 61 31.77 -24.38 -7.04
C PRO B 61 31.39 -23.25 -8.01
N GLU B 62 32.35 -22.80 -8.81
CA GLU B 62 32.14 -21.68 -9.71
C GLU B 62 31.64 -22.16 -11.08
N HIS B 63 31.57 -23.47 -11.27
CA HIS B 63 31.08 -24.02 -12.54
C HIS B 63 29.58 -24.30 -12.46
N CYS B 64 28.99 -24.02 -11.30
CA CYS B 64 27.55 -24.18 -11.14
C CYS B 64 26.89 -22.91 -10.59
N ARG B 65 27.71 -21.88 -10.33
CA ARG B 65 27.21 -20.62 -9.79
C ARG B 65 26.31 -19.82 -10.76
N PRO B 66 26.72 -19.69 -12.04
CA PRO B 66 25.82 -18.99 -12.97
C PRO B 66 24.46 -19.68 -13.11
N SER B 67 24.43 -20.99 -12.91
CA SER B 67 23.18 -21.75 -12.98
C SER B 67 22.37 -21.60 -11.70
N MET B 68 23.07 -21.44 -10.57
CA MET B 68 22.43 -21.25 -9.28
C MET B 68 21.65 -19.94 -9.24
N GLU B 69 22.17 -18.92 -9.92
CA GLU B 69 21.54 -17.62 -9.96
C GLU B 69 20.21 -17.64 -10.70
N GLU B 70 20.04 -18.60 -11.61
CA GLU B 70 18.80 -18.72 -12.36
C GLU B 70 17.68 -19.29 -11.48
N GLY B 71 18.02 -20.28 -10.67
CA GLY B 71 17.04 -20.92 -9.81
C GLY B 71 16.62 -20.07 -8.62
N ILE B 72 17.60 -19.44 -7.98
CA ILE B 72 17.33 -18.62 -6.80
C ILE B 72 16.52 -17.38 -7.18
N SER B 73 16.85 -16.77 -8.31
CA SER B 73 16.13 -15.59 -8.79
C SER B 73 14.66 -15.90 -9.00
N LEU B 74 14.39 -17.07 -9.56
CA LEU B 74 13.01 -17.52 -9.78
C LEU B 74 12.30 -17.79 -8.46
N PHE B 75 13.03 -18.36 -7.50
CA PHE B 75 12.47 -18.62 -6.18
C PHE B 75 12.31 -17.33 -5.39
N SER B 76 13.17 -16.36 -5.69
CA SER B 76 13.08 -15.04 -5.08
C SER B 76 11.81 -14.33 -5.50
N SER B 77 11.47 -14.44 -6.78
CA SER B 77 10.26 -13.81 -7.30
C SER B 77 9.01 -14.44 -6.70
N LEU B 78 9.06 -15.76 -6.45
CA LEU B 78 7.99 -16.45 -5.77
C LEU B 78 7.82 -15.97 -4.33
N LEU B 79 8.93 -15.84 -3.60
CA LEU B 79 8.89 -15.40 -2.22
C LEU B 79 8.43 -13.95 -2.11
N ASN B 80 8.74 -13.16 -3.13
CA ASN B 80 8.33 -11.75 -3.15
C ASN B 80 6.90 -11.61 -3.65
N ASN B 81 6.27 -12.73 -3.96
CA ASN B 81 4.86 -12.74 -4.33
C ASN B 81 3.97 -13.00 -3.13
N LYS B 82 3.11 -12.03 -2.82
CA LYS B 82 2.23 -12.10 -1.67
C LYS B 82 1.41 -13.39 -1.60
N HIS B 83 0.91 -13.84 -2.74
CA HIS B 83 -0.02 -14.96 -2.78
C HIS B 83 0.68 -16.31 -2.70
N PHE B 84 1.99 -16.31 -2.90
CA PHE B 84 2.76 -17.53 -2.71
C PHE B 84 3.20 -17.65 -1.24
N LEU B 85 3.83 -16.61 -0.74
CA LEU B 85 4.43 -16.61 0.59
C LEU B 85 3.40 -16.89 1.69
N ILE B 86 2.29 -16.16 1.67
CA ILE B 86 1.23 -16.36 2.66
C ILE B 86 0.72 -17.80 2.64
N VAL B 87 0.48 -18.33 1.45
CA VAL B 87 0.04 -19.72 1.31
C VAL B 87 1.15 -20.69 1.75
N PHE B 88 2.38 -20.34 1.42
CA PHE B 88 3.55 -21.13 1.78
C PHE B 88 3.65 -21.37 3.29
N VAL B 89 3.55 -20.29 4.06
CA VAL B 89 3.63 -20.37 5.51
C VAL B 89 2.46 -21.12 6.13
N HIS B 90 1.26 -20.86 5.63
CA HIS B 90 0.05 -21.51 6.15
C HIS B 90 0.06 -23.02 5.95
N ALA B 91 0.58 -23.46 4.81
CA ALA B 91 0.58 -24.88 4.48
C ALA B 91 1.61 -25.64 5.31
N LEU B 92 2.74 -25.01 5.57
CA LEU B 92 3.76 -25.61 6.41
C LEU B 92 3.26 -25.79 7.85
N GLU B 93 2.56 -24.78 8.36
CA GLU B 93 2.08 -24.81 9.74
C GLU B 93 0.88 -25.74 9.93
N GLN B 94 0.41 -26.33 8.84
CA GLN B 94 -0.65 -27.34 8.94
C GLN B 94 -0.03 -28.73 9.03
N GLN B 95 1.28 -28.81 8.80
CA GLN B 95 1.99 -30.08 8.87
C GLN B 95 2.31 -30.46 10.31
N LYS B 96 1.98 -31.69 10.67
CA LYS B 96 2.20 -32.16 12.04
C LYS B 96 3.69 -32.29 12.37
N ASP B 97 4.50 -32.57 11.35
CA ASP B 97 5.94 -32.75 11.54
C ASP B 97 6.72 -31.45 11.36
N PHE B 98 6.01 -30.34 11.15
CA PHE B 98 6.66 -29.04 11.08
C PHE B 98 6.75 -28.44 12.49
N ALA B 99 7.80 -28.82 13.20
CA ALA B 99 7.97 -28.47 14.61
C ALA B 99 8.09 -26.96 14.83
N VAL B 100 7.91 -26.55 16.08
CA VAL B 100 8.04 -25.14 16.46
C VAL B 100 9.45 -24.64 16.15
N ARG B 101 10.43 -25.50 16.38
CA ARG B 101 11.82 -25.18 16.07
C ARG B 101 11.97 -24.82 14.59
N ASP B 102 11.31 -25.59 13.73
CA ASP B 102 11.31 -25.33 12.30
C ASP B 102 10.53 -24.05 11.98
N ARG B 103 9.43 -23.85 12.70
CA ARG B 103 8.62 -22.65 12.54
C ARG B 103 9.43 -21.38 12.81
N CYS B 104 10.30 -21.46 13.82
CA CYS B 104 11.14 -20.32 14.18
C CYS B 104 12.31 -20.18 13.20
N SER B 105 12.88 -21.32 12.81
CA SER B 105 13.98 -21.33 11.85
C SER B 105 13.55 -20.74 10.51
N LEU B 106 12.34 -21.09 10.07
CA LEU B 106 11.81 -20.54 8.82
C LEU B 106 11.66 -19.02 8.91
N ALA B 107 11.08 -18.56 10.01
CA ALA B 107 10.77 -17.15 10.19
C ALA B 107 12.03 -16.28 10.12
N SER B 108 13.12 -16.77 10.72
CA SER B 108 14.38 -16.04 10.70
C SER B 108 14.99 -16.03 9.31
N LEU B 109 14.93 -17.19 8.64
CA LEU B 109 15.38 -17.28 7.25
C LEU B 109 14.65 -16.28 6.37
N LEU B 110 13.35 -16.14 6.60
CA LEU B 110 12.55 -15.17 5.86
C LEU B 110 13.02 -13.74 6.12
N THR B 111 13.37 -13.46 7.38
CA THR B 111 13.74 -12.12 7.77
C THR B 111 15.06 -11.69 7.13
N ILE B 112 15.98 -12.63 6.97
CA ILE B 112 17.26 -12.33 6.36
C ILE B 112 17.14 -12.29 4.83
N ALA B 113 16.37 -13.21 4.26
CA ALA B 113 16.17 -13.25 2.82
C ALA B 113 15.42 -12.01 2.33
N LEU B 114 14.44 -11.55 3.10
CA LEU B 114 13.60 -10.43 2.71
C LEU B 114 14.09 -9.11 3.29
N HIS B 115 15.31 -9.11 3.83
CA HIS B 115 15.86 -7.93 4.49
C HIS B 115 15.99 -6.73 3.53
N GLY B 116 16.10 -7.01 2.24
CA GLY B 116 16.18 -5.96 1.25
C GLY B 116 14.82 -5.35 0.96
N LYS B 117 13.78 -6.03 1.41
CA LYS B 117 12.41 -5.57 1.20
C LYS B 117 11.62 -5.55 2.52
N LEU B 118 12.10 -4.76 3.48
CA LEU B 118 11.48 -4.69 4.80
C LEU B 118 10.05 -4.18 4.76
N GLU B 119 9.74 -3.32 3.82
CA GLU B 119 8.36 -2.85 3.63
C GLU B 119 7.47 -4.02 3.26
N TYR B 120 7.96 -4.87 2.36
CA TYR B 120 7.21 -6.05 1.94
C TYR B 120 7.17 -7.08 3.06
N TYR B 121 8.32 -7.30 3.70
CA TYR B 121 8.41 -8.18 4.85
C TYR B 121 7.43 -7.78 5.94
N THR B 122 7.29 -6.47 6.16
CA THR B 122 6.38 -5.95 7.18
C THR B 122 4.93 -6.25 6.84
N SER B 123 4.54 -5.99 5.60
CA SER B 123 3.17 -6.21 5.17
C SER B 123 2.81 -7.68 5.27
N ILE B 124 3.76 -8.56 4.98
CA ILE B 124 3.55 -9.99 5.11
C ILE B 124 3.26 -10.33 6.58
N MET B 125 4.07 -9.77 7.47
CA MET B 125 3.90 -9.97 8.90
C MET B 125 2.55 -9.44 9.39
N LYS B 126 2.20 -8.23 8.98
CA LYS B 126 0.93 -7.63 9.38
C LYS B 126 -0.25 -8.52 8.99
N GLU B 127 -0.24 -9.01 7.75
CA GLU B 127 -1.31 -9.87 7.26
C GLU B 127 -1.32 -11.22 7.97
N LEU B 128 -0.13 -11.73 8.28
CA LEU B 128 -0.03 -13.01 8.99
C LEU B 128 -0.48 -12.88 10.45
N LEU B 129 -0.35 -11.68 11.01
CA LEU B 129 -0.81 -11.40 12.37
C LEU B 129 -2.33 -11.34 12.42
N VAL B 130 -2.92 -10.73 11.39
CA VAL B 130 -4.38 -10.65 11.29
C VAL B 130 -4.98 -12.05 11.27
N ASP B 131 -4.32 -12.97 10.57
CA ASP B 131 -4.76 -14.36 10.54
C ASP B 131 -4.73 -14.99 11.92
N LEU B 132 -3.67 -14.72 12.66
CA LEU B 132 -3.54 -15.20 14.03
C LEU B 132 -4.65 -14.66 14.92
N ILE B 133 -4.87 -13.35 14.85
CA ILE B 133 -5.92 -12.71 15.63
C ILE B 133 -7.30 -13.28 15.27
N ASP B 134 -7.50 -13.52 13.98
CA ASP B 134 -8.73 -14.16 13.50
C ASP B 134 -8.90 -15.55 14.10
N ALA B 135 -7.79 -16.26 14.25
CA ALA B 135 -7.82 -17.64 14.73
C ALA B 135 -7.92 -17.72 16.24
N SER B 136 -7.70 -16.60 16.92
CA SER B 136 -7.76 -16.57 18.38
C SER B 136 -9.03 -15.91 18.87
N ALA B 137 -10.09 -16.03 18.08
CA ALA B 137 -11.37 -15.41 18.42
C ALA B 137 -11.99 -16.01 19.67
N ALA B 138 -11.94 -17.33 19.78
CA ALA B 138 -12.54 -18.04 20.91
C ALA B 138 -11.51 -18.31 22.02
N LYS B 139 -10.43 -17.53 22.02
CA LYS B 139 -9.39 -17.68 23.02
C LYS B 139 -9.29 -16.44 23.92
N ASN B 140 -8.69 -16.60 25.08
CA ASN B 140 -8.47 -15.49 26.01
C ASN B 140 -7.57 -14.43 25.39
N PRO B 141 -8.14 -13.25 25.10
CA PRO B 141 -7.42 -12.14 24.47
C PRO B 141 -6.15 -11.73 25.24
N LYS B 142 -6.13 -11.99 26.55
CA LYS B 142 -4.97 -11.69 27.37
C LYS B 142 -3.87 -12.74 27.23
N LEU B 143 -4.11 -13.75 26.42
CA LEU B 143 -3.11 -14.79 26.17
C LEU B 143 -2.39 -14.56 24.85
N MET B 144 -2.90 -13.61 24.07
CA MET B 144 -2.36 -13.30 22.76
C MET B 144 -0.89 -12.91 22.79
N LEU B 145 -0.11 -13.49 21.88
CA LEU B 145 1.31 -13.16 21.71
C LEU B 145 2.16 -13.48 22.94
N ARG B 146 1.71 -14.45 23.73
CA ARG B 146 2.41 -14.82 24.96
C ARG B 146 3.69 -15.59 24.66
N ARG B 147 3.56 -16.69 23.93
CA ARG B 147 4.71 -17.51 23.57
C ARG B 147 5.19 -17.23 22.15
N THR B 148 6.00 -18.13 21.61
CA THR B 148 6.48 -18.01 20.25
C THR B 148 6.40 -19.38 19.57
N GLU B 149 5.18 -19.77 19.20
CA GLU B 149 4.93 -21.10 18.66
C GLU B 149 4.55 -21.06 17.18
N SER B 150 4.50 -19.86 16.60
CA SER B 150 4.16 -19.71 15.20
C SER B 150 5.26 -19.01 14.44
N VAL B 151 5.23 -19.11 13.10
CA VAL B 151 6.18 -18.43 12.24
C VAL B 151 6.08 -16.91 12.42
N VAL B 152 4.85 -16.40 12.44
CA VAL B 152 4.60 -14.97 12.58
C VAL B 152 5.14 -14.38 13.88
N GLU B 153 4.95 -15.10 14.98
CA GLU B 153 5.41 -14.62 16.28
C GLU B 153 6.91 -14.44 16.27
N LYS B 154 7.64 -15.39 15.70
CA LYS B 154 9.09 -15.28 15.58
C LYS B 154 9.46 -14.12 14.66
N MET B 155 8.65 -13.90 13.63
CA MET B 155 8.89 -12.77 12.71
C MET B 155 8.76 -11.46 13.47
N LEU B 156 7.82 -11.41 14.41
CA LEU B 156 7.59 -10.20 15.19
C LEU B 156 8.78 -9.89 16.11
N THR B 157 9.36 -10.94 16.69
CA THR B 157 10.54 -10.80 17.54
C THR B 157 11.72 -10.26 16.74
N ASN B 158 11.91 -10.80 15.55
CA ASN B 158 13.00 -10.38 14.67
C ASN B 158 12.79 -8.96 14.16
N TRP B 159 11.54 -8.64 13.84
CA TRP B 159 11.19 -7.29 13.39
C TRP B 159 11.53 -6.27 14.48
N MET B 160 11.21 -6.61 15.72
CA MET B 160 11.54 -5.75 16.86
C MET B 160 13.04 -5.59 17.05
N SER B 161 13.77 -6.70 16.96
CA SER B 161 15.23 -6.69 17.07
C SER B 161 15.83 -5.68 16.12
N ILE B 162 15.52 -5.82 14.83
CA ILE B 162 15.99 -4.92 13.79
C ILE B 162 15.73 -3.46 14.12
N CYS B 163 14.51 -3.18 14.54
CA CYS B 163 14.05 -1.81 14.77
C CYS B 163 14.62 -1.19 16.04
N MET B 164 14.87 -2.02 17.05
CA MET B 164 15.39 -1.53 18.33
C MET B 164 16.92 -1.53 18.38
N TYR B 165 17.56 -1.97 17.30
CA TYR B 165 19.02 -2.01 17.30
C TYR B 165 19.62 -0.61 17.34
N GLY B 166 19.05 0.29 16.55
CA GLY B 166 19.51 1.68 16.52
C GLY B 166 19.32 2.34 17.87
N CYS B 167 18.31 1.90 18.61
CA CYS B 167 18.04 2.39 19.95
C CYS B 167 19.16 2.00 20.90
N LEU B 168 19.68 0.79 20.73
CA LEU B 168 20.76 0.28 21.56
C LEU B 168 22.06 1.04 21.34
N ARG B 169 22.42 1.25 20.08
CA ARG B 169 23.69 1.87 19.74
C ARG B 169 23.77 3.34 20.15
N GLU B 170 22.66 3.90 20.64
CA GLU B 170 22.61 5.32 20.92
C GLU B 170 22.23 5.67 22.36
N THR B 171 21.16 5.06 22.86
CA THR B 171 20.61 5.48 24.15
C THR B 171 20.57 4.39 25.22
N VAL B 172 20.30 3.16 24.82
CA VAL B 172 20.05 2.09 25.78
C VAL B 172 21.28 1.21 26.01
N GLY B 173 22.15 1.11 25.00
CA GLY B 173 23.34 0.29 25.10
C GLY B 173 24.31 0.75 26.17
N GLU B 174 24.45 2.05 26.34
CA GLU B 174 25.42 2.59 27.29
C GLU B 174 25.02 2.36 28.76
N PRO B 175 23.77 2.66 29.14
CA PRO B 175 23.43 2.34 30.53
C PRO B 175 23.38 0.84 30.79
N PHE B 176 23.11 0.06 29.74
CA PHE B 176 23.11 -1.39 29.85
C PHE B 176 24.51 -1.89 30.20
N PHE B 177 25.51 -1.42 29.44
CA PHE B 177 26.88 -1.85 29.66
C PHE B 177 27.41 -1.32 30.99
N LEU B 178 26.99 -0.11 31.37
CA LEU B 178 27.41 0.47 32.64
C LEU B 178 26.88 -0.35 33.81
N LEU B 179 25.61 -0.77 33.72
CA LEU B 179 25.03 -1.64 34.73
C LEU B 179 25.82 -2.96 34.80
N LEU B 180 26.08 -3.55 33.65
CA LEU B 180 26.86 -4.78 33.57
C LEU B 180 28.23 -4.60 34.22
N CYS B 181 28.84 -3.44 34.02
CA CYS B 181 30.13 -3.15 34.64
C CYS B 181 29.97 -2.97 36.15
N ALA B 182 28.88 -2.32 36.55
CA ALA B 182 28.59 -2.11 37.95
C ALA B 182 28.37 -3.45 38.66
N ILE B 183 27.56 -4.31 38.06
CA ILE B 183 27.29 -5.64 38.61
C ILE B 183 28.57 -6.43 38.84
N LYS B 184 29.41 -6.48 37.81
CA LYS B 184 30.68 -7.19 37.89
C LYS B 184 31.60 -6.57 38.95
N GLN B 185 31.56 -5.25 39.05
CA GLN B 185 32.41 -4.53 39.97
C GLN B 185 31.99 -4.75 41.42
N GLN B 186 30.68 -4.88 41.65
CA GLN B 186 30.15 -5.08 42.98
C GLN B 186 30.47 -6.48 43.51
N ILE B 187 30.51 -7.44 42.61
CA ILE B 187 30.77 -8.83 43.00
C ILE B 187 32.26 -9.08 43.22
N ASN B 188 33.10 -8.50 42.37
CA ASN B 188 34.55 -8.65 42.49
C ASN B 188 35.12 -8.09 43.79
N LYS B 189 34.33 -7.26 44.47
CA LYS B 189 34.74 -6.68 45.74
C LYS B 189 34.80 -7.73 46.84
N GLY B 190 33.85 -8.67 46.81
CA GLY B 190 33.82 -9.76 47.78
C GLY B 190 34.56 -10.98 47.27
N SER B 191 34.28 -12.13 47.88
CA SER B 191 34.90 -13.38 47.48
C SER B 191 33.95 -14.25 46.66
N ILE B 192 34.43 -14.74 45.52
CA ILE B 192 33.64 -15.61 44.67
C ILE B 192 34.15 -17.05 44.75
N ASP B 193 33.23 -18.00 44.87
CA ASP B 193 33.61 -19.42 44.88
C ASP B 193 33.83 -19.91 43.44
N ALA B 194 34.92 -20.66 43.24
CA ALA B 194 35.34 -21.07 41.91
C ALA B 194 34.42 -22.13 41.29
N ILE B 195 33.98 -23.08 42.11
CA ILE B 195 33.18 -24.20 41.61
C ILE B 195 31.69 -23.90 41.62
N THR B 196 31.13 -23.71 42.81
CA THR B 196 29.70 -23.49 42.98
C THR B 196 29.24 -22.19 42.31
N GLY B 197 29.97 -21.11 42.54
CA GLY B 197 29.65 -19.84 41.93
C GLY B 197 29.04 -18.85 42.90
N LYS B 198 29.10 -19.19 44.18
CA LYS B 198 28.54 -18.33 45.23
C LYS B 198 29.49 -17.20 45.60
N ALA B 199 28.93 -15.99 45.73
CA ALA B 199 29.72 -14.81 46.04
C ALA B 199 29.20 -14.08 47.26
N ARG B 200 29.98 -13.12 47.77
CA ARG B 200 29.55 -12.35 48.93
C ARG B 200 28.42 -11.39 48.58
N TYR B 201 28.50 -10.79 47.40
CA TYR B 201 27.48 -9.86 46.94
C TYR B 201 26.69 -10.46 45.79
N THR B 202 25.36 -10.40 45.88
CA THR B 202 24.47 -10.98 44.88
C THR B 202 23.12 -10.28 44.90
N LEU B 203 22.40 -10.36 43.78
CA LEU B 203 20.99 -9.95 43.74
C LEU B 203 20.09 -11.17 43.89
N ASN B 204 20.67 -12.35 43.71
CA ASN B 204 19.91 -13.58 43.76
C ASN B 204 20.17 -14.33 45.07
N GLU B 205 19.11 -14.55 45.83
CA GLU B 205 19.21 -15.13 47.16
C GLU B 205 19.89 -16.50 47.16
N GLU B 206 19.65 -17.29 46.11
CA GLU B 206 20.15 -18.65 46.06
C GLU B 206 21.59 -18.74 45.54
N TRP B 207 22.27 -17.61 45.49
CA TRP B 207 23.66 -17.59 45.07
C TRP B 207 24.57 -17.00 46.14
N LEU B 208 23.99 -16.67 47.29
CA LEU B 208 24.73 -16.10 48.40
C LEU B 208 25.72 -17.09 48.98
N LEU B 209 26.98 -16.67 49.10
CA LEU B 209 27.99 -17.46 49.77
C LEU B 209 27.66 -17.49 51.26
N ARG B 210 27.23 -18.65 51.74
CA ARG B 210 26.75 -18.78 53.11
C ARG B 210 27.86 -18.90 54.15
N GLU B 211 28.99 -19.46 53.74
CA GLU B 211 30.08 -19.78 54.65
C GLU B 211 30.65 -18.55 55.36
N ASN B 212 31.33 -18.79 56.47
CA ASN B 212 31.98 -17.74 57.25
C ASN B 212 33.48 -17.69 56.94
N ILE B 213 33.84 -17.10 55.81
CA ILE B 213 35.22 -17.06 55.37
C ILE B 213 35.82 -15.68 55.52
N GLU B 214 37.09 -15.63 55.94
CA GLU B 214 37.80 -14.37 56.07
C GLU B 214 38.31 -13.92 54.71
N ALA B 215 38.32 -12.61 54.48
CA ALA B 215 38.74 -12.07 53.20
C ALA B 215 39.70 -10.89 53.35
N LYS B 216 40.77 -10.89 52.58
CA LYS B 216 41.74 -9.81 52.60
C LYS B 216 42.31 -9.57 51.21
N PRO B 217 42.15 -8.35 50.68
CA PRO B 217 42.65 -7.99 49.35
C PRO B 217 44.16 -8.13 49.22
N ARG B 218 44.64 -8.29 47.99
CA ARG B 218 46.07 -8.45 47.75
C ARG B 218 46.47 -7.84 46.41
N ASN B 219 47.22 -6.74 46.46
CA ASN B 219 47.69 -6.07 45.25
C ASN B 219 48.96 -6.70 44.70
N LEU B 220 48.94 -7.04 43.42
CA LEU B 220 50.06 -7.74 42.79
C LEU B 220 50.51 -7.03 41.51
N ASN B 221 51.81 -6.81 41.37
CA ASN B 221 52.35 -6.20 40.16
C ASN B 221 52.67 -7.22 39.09
N VAL B 222 51.94 -7.17 37.98
CA VAL B 222 52.09 -8.17 36.92
C VAL B 222 52.47 -7.52 35.59
N SER B 223 53.23 -8.26 34.78
CA SER B 223 53.62 -7.80 33.44
C SER B 223 53.25 -8.83 32.37
N PHE B 224 53.11 -8.36 31.13
CA PHE B 224 52.69 -9.22 30.03
C PHE B 224 53.54 -8.96 28.78
N GLN B 225 54.64 -9.70 28.65
CA GLN B 225 55.54 -9.54 27.52
C GLN B 225 54.91 -10.04 26.23
N ASP B 230 53.12 -1.42 30.36
CA ASP B 230 54.05 -2.52 30.57
C ASP B 230 53.73 -3.28 31.87
N SER B 231 53.78 -2.57 32.99
CA SER B 231 53.49 -3.17 34.29
C SER B 231 52.46 -2.36 35.06
N LEU B 232 51.58 -3.05 35.77
CA LEU B 232 50.58 -2.40 36.60
C LEU B 232 50.16 -3.30 37.76
N SER B 233 49.64 -2.69 38.83
CA SER B 233 49.19 -3.45 39.98
C SER B 233 47.74 -3.89 39.83
N VAL B 234 47.46 -5.14 40.19
CA VAL B 234 46.12 -5.69 40.10
C VAL B 234 45.60 -6.12 41.47
N ARG B 235 44.33 -5.84 41.74
CA ARG B 235 43.73 -6.18 43.03
C ARG B 235 43.04 -7.54 43.00
N ALA B 236 43.40 -8.40 43.94
CA ALA B 236 42.78 -9.72 44.05
C ALA B 236 42.40 -10.03 45.49
N MET B 237 42.07 -11.28 45.77
CA MET B 237 41.75 -11.73 47.12
C MET B 237 42.57 -12.97 47.46
N ASP B 238 42.83 -13.17 48.74
CA ASP B 238 43.65 -14.30 49.20
C ASP B 238 42.89 -15.61 49.07
N THR B 239 41.56 -15.54 49.09
CA THR B 239 40.72 -16.73 48.95
C THR B 239 40.52 -17.10 47.49
N ASP B 240 40.97 -16.25 46.58
CA ASP B 240 40.81 -16.46 45.15
C ASP B 240 41.70 -17.59 44.62
N THR B 241 41.12 -18.45 43.78
CA THR B 241 41.91 -19.44 43.05
C THR B 241 42.79 -18.71 42.04
N LEU B 242 43.81 -19.40 41.55
CA LEU B 242 44.73 -18.79 40.60
C LEU B 242 44.12 -18.63 39.22
N THR B 243 43.07 -19.40 38.95
CA THR B 243 42.28 -19.19 37.75
C THR B 243 41.61 -17.82 37.84
N GLN B 244 40.98 -17.57 38.98
CA GLN B 244 40.30 -16.29 39.22
C GLN B 244 41.29 -15.12 39.21
N VAL B 245 42.51 -15.36 39.67
CA VAL B 245 43.55 -14.35 39.61
C VAL B 245 43.93 -14.07 38.16
N LYS B 246 44.18 -15.14 37.41
CA LYS B 246 44.46 -15.05 35.98
C LYS B 246 43.37 -14.28 35.25
N GLU B 247 42.13 -14.53 35.64
CA GLU B 247 40.98 -13.82 35.07
C GLU B 247 41.06 -12.32 35.36
N LYS B 248 41.31 -11.96 36.62
CA LYS B 248 41.37 -10.55 37.01
C LYS B 248 42.53 -9.83 36.35
N ILE B 249 43.64 -10.53 36.16
CA ILE B 249 44.81 -9.97 35.49
C ILE B 249 44.50 -9.66 34.03
N LEU B 250 43.80 -10.58 33.37
CA LEU B 250 43.44 -10.41 31.96
C LEU B 250 42.50 -9.23 31.74
N GLU B 251 41.73 -8.89 32.77
CA GLU B 251 40.78 -7.79 32.69
C GLU B 251 41.48 -6.43 32.70
N ALA B 252 42.67 -6.40 33.29
CA ALA B 252 43.42 -5.16 33.40
C ALA B 252 44.21 -4.86 32.12
N PHE B 253 44.76 -5.90 31.51
CA PHE B 253 45.58 -5.72 30.31
C PHE B 253 44.72 -5.63 29.04
N CYS B 254 43.50 -6.12 29.12
CA CYS B 254 42.61 -6.14 27.95
C CYS B 254 41.39 -5.24 28.15
N LYS B 255 41.59 -4.12 28.84
CA LYS B 255 40.50 -3.18 29.10
C LYS B 255 39.91 -2.64 27.80
N ASN B 256 40.79 -2.29 26.86
CA ASN B 256 40.36 -1.76 25.57
C ASN B 256 40.45 -2.80 24.46
N VAL B 257 40.03 -4.02 24.77
CA VAL B 257 40.04 -5.12 23.81
C VAL B 257 38.75 -5.93 23.93
N PRO B 258 38.07 -6.19 22.79
CA PRO B 258 36.87 -7.03 22.78
C PRO B 258 37.15 -8.44 23.28
N TYR B 259 36.19 -9.02 24.01
CA TYR B 259 36.40 -10.28 24.71
C TYR B 259 36.70 -11.45 23.77
N SER B 260 36.22 -11.35 22.53
CA SER B 260 36.45 -12.40 21.55
C SER B 260 37.92 -12.53 21.20
N GLN B 261 38.69 -11.50 21.50
CA GLN B 261 40.13 -11.52 21.23
C GLN B 261 40.95 -11.87 22.47
N TRP B 262 40.29 -11.89 23.63
CA TRP B 262 40.96 -12.21 24.88
C TRP B 262 41.49 -13.64 24.91
N PRO B 263 42.67 -13.82 25.51
CA PRO B 263 43.15 -15.17 25.86
C PRO B 263 42.38 -15.72 27.06
N ARG B 264 42.19 -17.02 27.14
CA ARG B 264 41.45 -17.61 28.25
C ARG B 264 42.35 -17.84 29.45
N ALA B 265 41.74 -17.96 30.63
CA ALA B 265 42.48 -18.14 31.87
C ALA B 265 43.29 -19.44 31.88
N GLU B 266 42.72 -20.49 31.28
CA GLU B 266 43.39 -21.78 31.24
C GLU B 266 44.38 -21.88 30.10
N ASP B 267 44.69 -20.73 29.49
CA ASP B 267 45.65 -20.66 28.40
C ASP B 267 46.91 -19.89 28.81
N VAL B 268 46.82 -19.20 29.94
CA VAL B 268 47.94 -18.40 30.42
C VAL B 268 48.59 -19.04 31.64
N ASP B 269 49.83 -18.66 31.91
CA ASP B 269 50.56 -19.15 33.07
C ASP B 269 51.06 -18.00 33.94
N LEU B 270 51.02 -18.21 35.25
CA LEU B 270 51.40 -17.18 36.21
C LEU B 270 52.73 -17.50 36.87
N GLU B 271 53.73 -16.66 36.65
CA GLU B 271 55.06 -16.86 37.22
C GLU B 271 55.31 -15.91 38.38
N TRP B 272 55.54 -16.48 39.56
CA TRP B 272 55.75 -15.68 40.77
C TRP B 272 57.23 -15.42 41.02
N PHE B 273 57.59 -14.14 41.17
CA PHE B 273 58.94 -13.76 41.52
C PHE B 273 59.06 -13.57 43.04
N ALA B 274 59.22 -14.67 43.75
CA ALA B 274 59.33 -14.64 45.22
C ALA B 274 60.53 -13.82 45.66
N SER B 275 61.70 -14.16 45.12
CA SER B 275 62.91 -13.40 45.36
C SER B 275 63.54 -13.03 44.03
N SER B 276 64.85 -12.82 44.04
CA SER B 276 65.58 -12.52 42.81
C SER B 276 66.49 -13.68 42.43
N THR B 277 66.21 -14.86 42.98
CA THR B 277 67.02 -16.04 42.71
C THR B 277 66.20 -17.24 42.24
N GLN B 278 64.94 -17.30 42.67
CA GLN B 278 64.07 -18.41 42.30
C GLN B 278 62.63 -17.95 42.08
N SER B 279 61.99 -18.53 41.07
CA SER B 279 60.61 -18.19 40.75
C SER B 279 59.70 -19.41 40.82
N TYR B 280 58.39 -19.19 40.83
CA TYR B 280 57.43 -20.28 40.95
C TYR B 280 56.20 -20.11 40.05
N VAL B 281 55.81 -21.19 39.38
CA VAL B 281 54.62 -21.20 38.54
C VAL B 281 53.39 -21.58 39.35
N LEU B 282 52.36 -20.74 39.31
CA LEU B 282 51.19 -20.91 40.16
C LEU B 282 50.04 -21.60 39.43
N ARG B 283 49.58 -22.72 39.99
CA ARG B 283 48.47 -23.50 39.41
C ARG B 283 47.40 -23.81 40.46
N ASP B 284 46.17 -24.01 40.00
CA ASP B 284 45.07 -24.41 40.89
C ASP B 284 45.31 -25.77 41.53
N LEU B 285 45.90 -26.68 40.76
CA LEU B 285 46.13 -28.05 41.22
C LEU B 285 47.55 -28.51 40.95
N ASP B 286 48.18 -29.10 41.97
CA ASP B 286 49.53 -29.64 41.83
C ASP B 286 49.81 -30.72 42.88
N ASP B 287 51.07 -30.83 43.27
CA ASP B 287 51.48 -31.83 44.26
C ASP B 287 51.48 -31.23 45.66
N THR B 288 51.23 -29.93 45.75
CA THR B 288 51.20 -29.24 47.03
C THR B 288 49.77 -28.98 47.48
N SER B 289 48.80 -29.48 46.70
CA SER B 289 47.40 -29.31 47.04
C SER B 289 47.03 -30.19 48.24
N VAL B 290 46.21 -29.64 49.13
CA VAL B 290 45.81 -30.35 50.34
C VAL B 290 44.47 -31.06 50.12
N VAL B 291 44.37 -32.31 50.56
CA VAL B 291 43.15 -33.08 50.45
C VAL B 291 42.61 -33.45 51.83
N GLU B 292 41.39 -33.01 52.12
CA GLU B 292 40.77 -33.28 53.42
C GLU B 292 39.37 -33.85 53.25
N ASP B 293 39.07 -34.90 54.03
CA ASP B 293 37.78 -35.58 53.99
C ASP B 293 37.41 -36.03 52.58
N GLY B 294 38.40 -36.49 51.84
CA GLY B 294 38.20 -36.96 50.49
C GLY B 294 37.85 -35.84 49.52
N ARG B 295 38.50 -34.70 49.69
CA ARG B 295 38.26 -33.55 48.84
C ARG B 295 39.54 -32.73 48.62
N LYS B 296 39.97 -32.64 47.37
CA LYS B 296 41.16 -31.89 47.02
C LYS B 296 40.87 -30.39 46.95
N LYS B 297 41.54 -29.62 47.80
CA LYS B 297 41.32 -28.18 47.88
C LYS B 297 42.02 -27.45 46.74
N LEU B 298 41.30 -26.54 46.09
CA LEU B 298 41.88 -25.70 45.05
C LEU B 298 42.88 -24.72 45.64
N ASN B 299 44.06 -24.65 45.03
CA ASN B 299 45.10 -23.75 45.49
C ASN B 299 44.67 -22.29 45.35
N THR B 300 44.66 -21.59 46.48
CA THR B 300 44.30 -20.18 46.49
C THR B 300 45.54 -19.30 46.53
N LEU B 301 45.32 -17.99 46.58
CA LEU B 301 46.42 -17.04 46.62
C LEU B 301 47.04 -17.02 48.01
N ALA B 302 46.31 -17.55 48.99
CA ALA B 302 46.80 -17.63 50.36
C ALA B 302 47.48 -18.96 50.65
N HIS B 303 47.15 -19.97 49.84
CA HIS B 303 47.75 -21.30 49.98
C HIS B 303 49.25 -21.25 49.73
N TYR B 304 49.65 -20.47 48.74
CA TYR B 304 51.06 -20.27 48.44
C TYR B 304 51.66 -19.16 49.30
N LYS B 305 50.80 -18.52 50.09
CA LYS B 305 51.18 -17.39 50.93
C LYS B 305 51.81 -16.27 50.11
N ILE B 306 51.07 -15.77 49.12
CA ILE B 306 51.55 -14.70 48.25
C ILE B 306 51.47 -13.35 48.95
N PRO B 307 52.61 -12.65 49.04
CA PRO B 307 52.72 -11.38 49.76
C PRO B 307 52.12 -10.20 49.00
N GLU B 308 51.84 -9.12 49.73
CA GLU B 308 51.36 -7.88 49.14
C GLU B 308 52.43 -7.26 48.25
N GLY B 309 52.02 -6.76 47.09
CA GLY B 309 52.95 -6.13 46.17
C GLY B 309 53.89 -7.11 45.50
N ALA B 310 53.48 -8.38 45.42
CA ALA B 310 54.29 -9.40 44.79
C ALA B 310 54.39 -9.18 43.29
N SER B 311 55.50 -9.61 42.70
CA SER B 311 55.73 -9.44 41.27
C SER B 311 55.41 -10.71 40.48
N LEU B 312 54.42 -10.62 39.61
CA LEU B 312 54.01 -11.77 38.81
C LEU B 312 54.28 -11.54 37.33
N ALA B 313 54.52 -12.63 36.60
CA ALA B 313 54.73 -12.55 35.16
C ALA B 313 53.75 -13.46 34.43
N MET B 314 53.02 -12.90 33.48
CA MET B 314 52.06 -13.67 32.71
C MET B 314 52.48 -13.84 31.27
N SER B 315 52.39 -15.07 30.77
CA SER B 315 52.64 -15.37 29.36
C SER B 315 51.72 -16.50 28.93
N LEU B 316 51.47 -16.59 27.62
CA LEU B 316 50.66 -17.66 27.06
C LEU B 316 51.42 -18.98 27.09
N THR B 317 50.70 -20.09 26.94
CA THR B 317 51.32 -21.41 26.85
C THR B 317 50.67 -22.24 25.75
N ASP B 318 51.42 -23.21 25.24
CA ASP B 318 50.92 -24.08 24.18
C ASP B 318 51.30 -25.54 24.43
N THR B 332 33.67 -33.40 40.10
CA THR B 332 32.84 -34.39 40.77
C THR B 332 32.49 -33.95 42.19
N GLU B 333 32.67 -34.85 43.15
CA GLU B 333 32.35 -34.56 44.55
C GLU B 333 33.59 -34.67 45.43
N LYS B 334 34.77 -34.64 44.81
CA LYS B 334 36.02 -34.73 45.53
C LYS B 334 36.84 -33.45 45.39
N TYR B 335 36.17 -32.35 45.05
CA TYR B 335 36.82 -31.06 44.89
C TYR B 335 35.99 -29.95 45.53
N PHE B 336 36.68 -28.98 46.14
CA PHE B 336 36.00 -27.83 46.74
C PHE B 336 36.90 -26.60 46.75
N HIS B 337 36.31 -25.46 47.09
CA HIS B 337 37.05 -24.20 47.17
C HIS B 337 36.83 -23.52 48.52
N LEU B 338 35.58 -23.20 48.82
CA LEU B 338 35.25 -22.52 50.06
C LEU B 338 34.15 -23.26 50.85
N VAL B 339 33.60 -24.30 50.23
CA VAL B 339 32.55 -25.09 50.86
C VAL B 339 33.09 -25.89 52.04
N VAL B 360 12.62 -17.84 56.08
CA VAL B 360 13.14 -16.58 56.58
C VAL B 360 14.66 -16.54 56.44
N LEU B 361 15.17 -15.44 55.91
CA LEU B 361 16.60 -15.26 55.73
C LEU B 361 17.21 -14.37 56.81
N PRO B 362 18.36 -14.78 57.38
CA PRO B 362 19.09 -14.00 58.39
C PRO B 362 19.41 -12.58 57.95
N GLU B 363 19.49 -11.67 58.92
CA GLU B 363 19.73 -10.25 58.67
C GLU B 363 21.07 -9.99 57.99
N ILE B 364 22.07 -10.81 58.31
CA ILE B 364 23.41 -10.61 57.80
C ILE B 364 23.51 -10.95 56.32
N TYR B 365 22.48 -11.63 55.81
CA TYR B 365 22.41 -11.97 54.40
C TYR B 365 21.54 -10.96 53.65
N LEU B 366 20.54 -10.43 54.36
CA LEU B 366 19.66 -9.41 53.79
C LEU B 366 20.45 -8.17 53.38
N THR B 367 21.32 -7.71 54.28
CA THR B 367 22.11 -6.51 54.04
C THR B 367 23.11 -6.72 52.90
N ARG B 368 23.48 -7.97 52.67
CA ARG B 368 24.31 -8.31 51.53
C ARG B 368 23.55 -8.06 50.23
N LEU B 369 22.32 -8.57 50.18
CA LEU B 369 21.44 -8.36 49.04
C LEU B 369 21.08 -6.88 48.89
N LEU B 370 20.80 -6.24 50.02
CA LEU B 370 20.39 -4.83 50.01
C LEU B 370 21.50 -3.88 49.60
N SER B 371 22.74 -4.22 49.94
CA SER B 371 23.87 -3.37 49.58
C SER B 371 24.32 -3.66 48.15
N THR B 372 23.93 -4.82 47.63
CA THR B 372 24.17 -5.13 46.23
C THR B 372 23.14 -4.41 45.38
N LYS B 373 21.88 -4.48 45.81
CA LYS B 373 20.81 -3.76 45.13
C LYS B 373 21.05 -2.26 45.21
N GLY B 374 21.47 -1.79 46.38
CA GLY B 374 21.66 -0.37 46.62
C GLY B 374 22.74 0.27 45.77
N THR B 375 23.75 -0.51 45.40
CA THR B 375 24.81 -0.03 44.54
C THR B 375 24.35 0.15 43.10
N LEU B 376 23.65 -0.86 42.58
CA LEU B 376 23.26 -0.87 41.16
C LEU B 376 22.06 0.02 40.88
N GLN B 377 21.45 0.55 41.94
CA GLN B 377 20.15 1.21 41.83
C GLN B 377 20.14 2.38 40.84
N LYS B 378 21.16 3.22 40.89
CA LYS B 378 21.25 4.36 39.97
C LYS B 378 21.44 3.86 38.53
N PHE B 379 22.22 2.80 38.37
CA PHE B 379 22.49 2.23 37.06
C PHE B 379 21.29 1.45 36.53
N LEU B 380 20.57 0.81 37.44
CA LEU B 380 19.38 0.04 37.11
C LEU B 380 18.27 0.98 36.67
N ASP B 381 18.13 2.09 37.38
CA ASP B 381 17.15 3.12 37.04
C ASP B 381 17.41 3.72 35.67
N ASP B 382 18.68 3.97 35.37
CA ASP B 382 19.06 4.57 34.10
C ASP B 382 18.76 3.64 32.92
N LEU B 383 18.90 2.33 33.16
CA LEU B 383 18.64 1.34 32.14
C LEU B 383 17.15 1.24 31.83
N PHE B 384 16.34 1.12 32.89
CA PHE B 384 14.90 1.01 32.71
C PHE B 384 14.31 2.32 32.20
N LYS B 385 14.93 3.43 32.56
CA LYS B 385 14.50 4.73 32.07
C LYS B 385 14.77 4.80 30.56
N ALA B 386 15.97 4.39 30.16
CA ALA B 386 16.36 4.42 28.75
C ALA B 386 15.43 3.56 27.88
N ILE B 387 15.07 2.39 28.39
CA ILE B 387 14.21 1.47 27.68
C ILE B 387 12.77 1.98 27.59
N LEU B 388 12.25 2.48 28.70
CA LEU B 388 10.84 2.86 28.78
C LEU B 388 10.61 4.36 28.65
N SER B 389 11.30 4.99 27.71
CA SER B 389 11.11 6.43 27.47
C SER B 389 11.43 6.82 26.03
N ILE B 390 10.85 7.91 25.57
CA ILE B 390 11.03 8.38 24.20
C ILE B 390 12.08 9.48 24.11
N ARG B 391 13.13 9.24 23.34
CA ARG B 391 14.08 10.29 23.01
C ARG B 391 13.51 11.15 21.90
N GLU B 392 13.19 12.41 22.22
CA GLU B 392 12.56 13.30 21.25
C GLU B 392 13.50 13.64 20.10
N ASP B 393 14.79 13.49 20.33
CA ASP B 393 15.79 13.71 19.29
C ASP B 393 15.59 12.70 18.16
N LYS B 394 15.37 11.44 18.53
CA LYS B 394 15.12 10.39 17.56
C LYS B 394 14.00 9.47 18.03
N PRO B 395 12.75 9.77 17.63
CA PRO B 395 11.55 9.04 18.05
C PRO B 395 11.53 7.59 17.57
N PRO B 396 10.84 6.71 18.32
CA PRO B 396 10.73 5.30 17.97
C PRO B 396 9.58 5.02 17.01
N LEU B 397 9.82 5.27 15.72
CA LEU B 397 8.78 5.18 14.71
C LEU B 397 8.21 3.76 14.60
N ALA B 398 9.07 2.75 14.67
CA ALA B 398 8.64 1.37 14.56
C ALA B 398 7.67 0.95 15.66
N VAL B 399 8.00 1.32 16.91
CA VAL B 399 7.11 1.02 18.03
C VAL B 399 5.76 1.67 17.82
N LYS B 400 5.77 2.96 17.50
CA LYS B 400 4.54 3.70 17.22
C LYS B 400 3.73 3.04 16.11
N TYR B 401 4.43 2.64 15.06
CA TYR B 401 3.79 1.98 13.94
C TYR B 401 3.11 0.69 14.38
N PHE B 402 3.82 -0.13 15.13
CA PHE B 402 3.24 -1.42 15.51
C PHE B 402 2.16 -1.29 16.59
N PHE B 403 2.34 -0.35 17.50
CA PHE B 403 1.33 -0.15 18.54
C PHE B 403 0.06 0.41 17.93
N ASP B 404 0.21 1.27 16.93
CA ASP B 404 -0.93 1.77 16.17
C ASP B 404 -1.66 0.61 15.51
N PHE B 405 -0.89 -0.31 14.93
CA PHE B 405 -1.45 -1.49 14.30
C PHE B 405 -2.27 -2.32 15.30
N LEU B 406 -1.68 -2.60 16.45
CA LEU B 406 -2.35 -3.34 17.51
C LEU B 406 -3.62 -2.63 17.97
N GLU B 407 -3.51 -1.33 18.17
CA GLU B 407 -4.63 -0.53 18.63
C GLU B 407 -5.74 -0.60 17.61
N GLU B 408 -5.38 -0.42 16.36
CA GLU B 408 -6.32 -0.44 15.25
C GLU B 408 -6.96 -1.82 15.08
N GLN B 409 -6.16 -2.87 15.25
CA GLN B 409 -6.67 -4.24 15.13
C GLN B 409 -7.57 -4.62 16.30
N ALA B 410 -7.41 -3.94 17.43
CA ALA B 410 -8.26 -4.20 18.59
C ALA B 410 -9.63 -3.56 18.42
N GLU B 411 -9.64 -2.32 17.92
CA GLU B 411 -10.89 -1.60 17.67
C GLU B 411 -11.82 -2.34 16.70
N LYS B 412 -11.24 -2.98 15.69
CA LYS B 412 -12.00 -3.62 14.63
C LYS B 412 -12.83 -4.81 15.12
N ARG B 413 -12.36 -5.50 16.15
CA ARG B 413 -13.05 -6.69 16.64
C ARG B 413 -13.90 -6.39 17.87
N GLY B 414 -13.90 -5.15 18.32
CA GLY B 414 -14.68 -4.77 19.49
C GLY B 414 -13.95 -5.04 20.79
N ILE B 415 -12.62 -4.94 20.75
CA ILE B 415 -11.80 -5.11 21.95
C ILE B 415 -11.34 -3.77 22.48
N SER B 416 -12.08 -3.22 23.44
CA SER B 416 -11.80 -1.88 23.93
C SER B 416 -11.29 -1.86 25.37
N ASP B 417 -10.98 -3.04 25.91
CA ASP B 417 -10.50 -3.15 27.29
C ASP B 417 -9.03 -2.78 27.39
N PRO B 418 -8.72 -1.65 28.05
CA PRO B 418 -7.35 -1.12 28.16
C PRO B 418 -6.33 -2.15 28.65
N ASP B 419 -6.72 -2.94 29.65
CA ASP B 419 -5.84 -3.95 30.23
C ASP B 419 -5.32 -4.95 29.20
N THR B 420 -6.20 -5.43 28.33
CA THR B 420 -5.81 -6.38 27.31
C THR B 420 -4.97 -5.72 26.23
N LEU B 421 -5.22 -4.44 25.97
CA LEU B 421 -4.40 -3.67 25.05
C LEU B 421 -3.00 -3.48 25.61
N HIS B 422 -2.92 -3.23 26.92
CA HIS B 422 -1.65 -3.13 27.63
C HIS B 422 -0.87 -4.43 27.43
N ILE B 423 -1.54 -5.55 27.65
CA ILE B 423 -0.90 -6.86 27.55
C ILE B 423 -0.38 -7.15 26.15
N TRP B 424 -1.18 -6.85 25.13
CA TRP B 424 -0.75 -7.02 23.74
C TRP B 424 0.55 -6.26 23.46
N LYS B 425 0.60 -5.00 23.87
CA LYS B 425 1.81 -4.19 23.71
C LYS B 425 2.96 -4.82 24.49
N THR B 426 2.69 -5.17 25.74
CA THR B 426 3.68 -5.84 26.59
C THR B 426 4.15 -7.14 25.94
N ASN B 427 3.22 -7.89 25.36
CA ASN B 427 3.56 -9.17 24.76
C ASN B 427 4.29 -9.03 23.44
N SER B 428 4.39 -7.82 22.89
CA SER B 428 4.94 -7.67 21.56
C SER B 428 6.29 -6.93 21.53
N LEU B 429 6.64 -6.21 22.59
CA LEU B 429 7.93 -5.53 22.62
C LEU B 429 8.75 -5.75 23.91
N PRO B 430 8.21 -5.37 25.10
CA PRO B 430 9.04 -5.56 26.29
C PRO B 430 9.36 -7.02 26.60
N LEU B 431 8.39 -7.92 26.42
CA LEU B 431 8.61 -9.33 26.72
C LEU B 431 9.26 -10.09 25.55
N ARG B 432 9.17 -9.54 24.35
CA ARG B 432 9.74 -10.20 23.17
C ARG B 432 11.17 -9.78 22.89
N PHE B 433 11.45 -8.50 23.08
CA PHE B 433 12.78 -7.99 22.82
C PHE B 433 13.60 -7.73 24.09
N TRP B 434 13.10 -6.85 24.95
CA TRP B 434 13.88 -6.34 26.07
C TRP B 434 14.23 -7.39 27.12
N VAL B 435 13.25 -8.17 27.58
CA VAL B 435 13.49 -9.24 28.54
C VAL B 435 14.54 -10.22 28.02
N ASN B 436 14.43 -10.52 26.72
CA ASN B 436 15.39 -11.35 26.02
C ASN B 436 16.81 -10.79 26.09
N ILE B 437 16.94 -9.50 25.79
CA ILE B 437 18.23 -8.82 25.79
C ILE B 437 18.81 -8.64 27.20
N LEU B 438 17.94 -8.34 28.16
CA LEU B 438 18.36 -8.17 29.55
C LEU B 438 19.03 -9.42 30.09
N LYS B 439 18.54 -10.59 29.67
CA LYS B 439 19.09 -11.86 30.14
C LYS B 439 20.23 -12.32 29.25
N ASN B 440 20.39 -11.69 28.09
CA ASN B 440 21.41 -12.09 27.14
C ASN B 440 22.19 -10.92 26.56
N PRO B 441 23.03 -10.28 27.39
CA PRO B 441 23.85 -9.14 26.95
C PRO B 441 24.84 -9.53 25.85
N GLN B 442 25.12 -10.82 25.70
CA GLN B 442 26.01 -11.30 24.65
C GLN B 442 25.47 -11.02 23.25
N PHE B 443 24.15 -10.84 23.14
CA PHE B 443 23.54 -10.53 21.84
C PHE B 443 23.94 -9.14 21.36
N VAL B 444 24.24 -8.25 22.30
CA VAL B 444 24.51 -6.86 21.98
C VAL B 444 25.99 -6.49 22.14
N PHE B 445 26.61 -6.98 23.20
CA PHE B 445 28.02 -6.69 23.47
C PHE B 445 28.90 -7.90 23.28
N ASP B 446 30.17 -7.65 22.98
CA ASP B 446 31.17 -8.72 22.95
C ASP B 446 31.85 -8.82 24.31
N ILE B 447 31.16 -9.46 25.25
CA ILE B 447 31.63 -9.57 26.62
C ILE B 447 31.61 -11.02 27.11
N GLU B 448 31.90 -11.22 28.38
CA GLU B 448 31.88 -12.55 28.97
C GLU B 448 30.45 -13.00 29.23
N LYS B 449 30.29 -14.24 29.67
CA LYS B 449 28.97 -14.76 30.06
C LYS B 449 29.11 -15.73 31.22
N THR B 450 29.03 -15.20 32.43
CA THR B 450 29.17 -16.02 33.63
C THR B 450 27.81 -16.41 34.19
N ASP B 451 27.76 -17.56 34.86
CA ASP B 451 26.51 -18.07 35.43
C ASP B 451 25.95 -17.15 36.50
N HIS B 452 26.83 -16.60 37.33
CA HIS B 452 26.41 -15.74 38.43
C HIS B 452 25.70 -14.49 37.93
N ILE B 453 26.37 -13.74 37.06
CA ILE B 453 25.82 -12.50 36.53
C ILE B 453 24.49 -12.78 35.82
N ASP B 454 24.40 -13.92 35.15
CA ASP B 454 23.14 -14.37 34.55
C ASP B 454 22.05 -14.49 35.61
N ALA B 455 22.42 -15.06 36.76
CA ALA B 455 21.47 -15.22 37.86
C ALA B 455 21.01 -13.87 38.42
N CYS B 456 21.92 -12.91 38.43
CA CYS B 456 21.58 -11.57 38.88
C CYS B 456 20.69 -10.87 37.86
N LEU B 457 20.97 -11.12 36.58
CA LEU B 457 20.19 -10.53 35.51
C LEU B 457 18.78 -11.11 35.50
N SER B 458 18.64 -12.36 35.94
CA SER B 458 17.32 -12.97 36.09
C SER B 458 16.47 -12.19 37.09
N VAL B 459 17.09 -11.80 38.20
CA VAL B 459 16.40 -11.01 39.21
C VAL B 459 15.98 -9.66 38.64
N ILE B 460 16.89 -9.04 37.90
CA ILE B 460 16.62 -7.75 37.29
C ILE B 460 15.55 -7.85 36.20
N ALA B 461 15.70 -8.84 35.32
CA ALA B 461 14.75 -9.03 34.23
C ALA B 461 13.36 -9.37 34.76
N GLN B 462 13.31 -10.09 35.87
CA GLN B 462 12.05 -10.43 36.53
C GLN B 462 11.35 -9.17 37.03
N ALA B 463 12.14 -8.19 37.45
CA ALA B 463 11.59 -6.92 37.93
C ALA B 463 11.01 -6.13 36.75
N PHE B 464 11.67 -6.23 35.60
CA PHE B 464 11.19 -5.59 34.38
C PHE B 464 9.87 -6.21 33.93
N ILE B 465 9.80 -7.54 34.02
CA ILE B 465 8.57 -8.28 33.68
C ILE B 465 7.39 -7.88 34.55
N ASP B 466 7.59 -7.89 35.87
CA ASP B 466 6.54 -7.57 36.82
C ASP B 466 6.04 -6.13 36.64
N ALA B 467 6.94 -5.25 36.25
CA ALA B 467 6.60 -3.85 35.98
C ALA B 467 5.70 -3.73 34.76
N CYS B 468 5.77 -4.70 33.86
CA CYS B 468 5.00 -4.67 32.61
C CYS B 468 3.61 -5.27 32.80
N SER B 469 3.40 -5.90 33.94
CA SER B 469 2.10 -6.48 34.27
C SER B 469 1.15 -5.43 34.84
N ILE B 470 -0.01 -5.86 35.31
CA ILE B 470 -0.98 -4.96 35.94
C ILE B 470 -1.31 -5.44 37.36
N SER B 471 -1.06 -6.71 37.62
CA SER B 471 -1.36 -7.32 38.92
C SER B 471 -0.58 -6.66 40.04
N LYS B 483 11.55 -12.82 44.66
CA LYS B 483 10.78 -11.64 44.26
C LYS B 483 10.36 -10.83 45.47
N LEU B 484 11.32 -10.55 46.35
CA LEU B 484 11.08 -9.76 47.54
C LEU B 484 12.01 -8.55 47.59
N LEU B 485 13.19 -8.71 46.98
CA LEU B 485 14.22 -7.67 46.97
C LEU B 485 13.80 -6.42 46.18
N TYR B 486 13.00 -6.62 45.14
CA TYR B 486 12.57 -5.51 44.30
C TYR B 486 11.06 -5.27 44.43
N ALA B 487 10.46 -5.87 45.45
CA ALA B 487 9.02 -5.75 45.69
C ALA B 487 8.58 -4.30 45.85
N LYS B 488 9.42 -3.51 46.51
CA LYS B 488 9.10 -2.12 46.80
C LYS B 488 9.39 -1.19 45.61
N GLU B 489 10.05 -1.73 44.58
CA GLU B 489 10.44 -0.92 43.43
C GLU B 489 9.45 -1.02 42.26
N ILE B 490 8.77 -2.16 42.16
CA ILE B 490 7.86 -2.45 41.06
C ILE B 490 6.71 -1.43 40.86
N PRO B 491 6.03 -0.99 41.94
CA PRO B 491 4.91 -0.07 41.72
C PRO B 491 5.28 1.17 40.90
N GLU B 492 6.42 1.79 41.21
CA GLU B 492 6.88 2.95 40.48
C GLU B 492 7.31 2.59 39.06
N TYR B 493 7.72 1.34 38.88
CA TYR B 493 8.12 0.86 37.57
C TYR B 493 6.91 0.66 36.66
N ARG B 494 5.79 0.27 37.24
CA ARG B 494 4.54 0.12 36.49
C ARG B 494 4.06 1.46 35.95
N LYS B 495 4.19 2.50 36.77
CA LYS B 495 3.78 3.84 36.36
C LYS B 495 4.66 4.35 35.22
N THR B 496 5.89 3.86 35.15
CA THR B 496 6.80 4.22 34.07
C THR B 496 6.37 3.56 32.76
N VAL B 497 5.96 2.30 32.84
CA VAL B 497 5.51 1.55 31.68
C VAL B 497 4.21 2.15 31.14
N GLN B 498 3.31 2.50 32.04
CA GLN B 498 2.04 3.12 31.66
C GLN B 498 2.29 4.48 31.02
N ARG B 499 3.27 5.20 31.55
CA ARG B 499 3.64 6.51 31.04
C ARG B 499 4.31 6.39 29.67
N TYR B 500 4.89 5.23 29.42
CA TYR B 500 5.57 4.95 28.16
C TYR B 500 4.57 4.68 27.03
N TYR B 501 3.64 3.77 27.28
CA TYR B 501 2.64 3.41 26.27
C TYR B 501 1.78 4.62 25.94
N LYS B 502 1.65 5.53 26.91
CA LYS B 502 0.90 6.75 26.70
C LYS B 502 1.70 7.73 25.84
N GLN B 503 3.00 7.82 26.10
CA GLN B 503 3.88 8.69 25.33
C GLN B 503 3.91 8.29 23.86
N ILE B 504 3.71 7.01 23.61
CA ILE B 504 3.74 6.49 22.26
C ILE B 504 2.44 6.80 21.52
N GLN B 505 1.30 6.59 22.19
CA GLN B 505 0.02 6.86 21.54
C GLN B 505 -0.29 8.35 21.49
N ASP B 506 0.58 9.14 22.12
CA ASP B 506 0.45 10.59 22.08
C ASP B 506 1.33 11.16 20.98
N MET B 507 2.21 10.32 20.43
CA MET B 507 3.07 10.73 19.32
C MET B 507 2.24 11.17 18.13
N THR B 508 2.77 12.10 17.34
CA THR B 508 2.17 12.47 16.06
C THR B 508 2.04 11.20 15.22
N PRO B 509 0.89 11.03 14.55
CA PRO B 509 0.59 9.81 13.79
C PRO B 509 1.59 9.55 12.68
N LEU B 510 1.85 8.28 12.40
CA LEU B 510 2.85 7.90 11.41
C LEU B 510 2.20 7.23 10.21
N SER B 511 2.15 7.96 9.10
CA SER B 511 1.56 7.44 7.87
C SER B 511 2.40 6.31 7.27
N GLU B 512 1.75 5.45 6.47
CA GLU B 512 2.43 4.34 5.82
C GLU B 512 3.57 4.83 4.94
N GLN B 513 3.37 5.98 4.30
CA GLN B 513 4.38 6.60 3.44
C GLN B 513 5.68 6.87 4.19
N GLU B 514 5.57 7.52 5.35
CA GLU B 514 6.73 7.87 6.15
C GLU B 514 7.43 6.63 6.72
N MET B 515 6.63 5.63 7.10
CA MET B 515 7.18 4.42 7.69
C MET B 515 7.88 3.55 6.65
N ASN B 516 7.30 3.47 5.46
CA ASN B 516 7.91 2.71 4.38
C ASN B 516 9.19 3.38 3.90
N ALA B 517 9.24 4.71 4.01
CA ALA B 517 10.46 5.46 3.71
C ALA B 517 11.53 5.13 4.73
N HIS B 518 11.11 4.90 5.97
CA HIS B 518 12.02 4.49 7.02
C HIS B 518 12.45 3.04 6.82
N LEU B 519 11.52 2.19 6.45
CA LEU B 519 11.81 0.78 6.20
C LEU B 519 12.73 0.62 4.99
N ALA B 520 12.52 1.47 3.98
CA ALA B 520 13.33 1.43 2.76
C ALA B 520 14.79 1.77 3.06
N GLU B 521 15.00 2.82 3.85
CA GLU B 521 16.34 3.26 4.20
C GLU B 521 17.10 2.20 4.98
N GLU B 522 16.39 1.48 5.84
CA GLU B 522 17.00 0.41 6.62
C GLU B 522 17.49 -0.74 5.73
N SER B 523 16.73 -1.04 4.69
CA SER B 523 17.12 -2.06 3.73
C SER B 523 18.36 -1.64 2.95
N ARG B 524 18.48 -0.33 2.72
CA ARG B 524 19.59 0.21 1.95
C ARG B 524 20.89 0.21 2.74
N LYS B 525 20.79 0.45 4.05
CA LYS B 525 21.97 0.57 4.91
C LYS B 525 22.72 -0.75 5.04
N TYR B 526 22.00 -1.86 4.90
CA TYR B 526 22.61 -3.18 5.07
C TYR B 526 22.34 -4.09 3.87
N GLN B 527 22.33 -3.50 2.67
CA GLN B 527 22.02 -4.24 1.45
C GLN B 527 23.06 -5.32 1.15
N ASN B 528 24.30 -5.08 1.55
CA ASN B 528 25.37 -6.06 1.35
C ASN B 528 26.04 -6.46 2.66
N GLU B 529 25.23 -6.90 3.62
CA GLU B 529 25.76 -7.42 4.88
C GLU B 529 25.52 -8.92 5.00
N PHE B 530 24.35 -9.37 4.53
CA PHE B 530 23.99 -10.78 4.61
C PHE B 530 24.07 -11.46 3.24
N ASN B 531 24.11 -12.79 3.26
CA ASN B 531 24.10 -13.57 2.02
C ASN B 531 22.71 -14.11 1.74
N THR B 532 21.92 -13.33 1.03
CA THR B 532 20.54 -13.69 0.73
C THR B 532 20.45 -15.03 -0.01
N ASN B 533 21.40 -15.27 -0.91
CA ASN B 533 21.46 -16.53 -1.66
C ASN B 533 21.46 -17.76 -0.74
N VAL B 534 22.25 -17.70 0.33
CA VAL B 534 22.33 -18.80 1.28
C VAL B 534 21.01 -18.98 2.02
N ALA B 535 20.43 -17.87 2.45
CA ALA B 535 19.15 -17.89 3.13
C ALA B 535 18.05 -18.49 2.24
N MET B 536 18.01 -18.06 0.98
CA MET B 536 17.04 -18.56 0.02
C MET B 536 17.17 -20.07 -0.18
N ALA B 537 18.40 -20.55 -0.14
CA ALA B 537 18.68 -21.97 -0.34
C ALA B 537 18.10 -22.81 0.80
N GLU B 538 18.28 -22.34 2.03
CA GLU B 538 17.78 -23.03 3.21
C GLU B 538 16.25 -23.10 3.23
N ILE B 539 15.61 -21.99 2.86
CA ILE B 539 14.16 -21.94 2.76
C ILE B 539 13.64 -22.97 1.75
N TYR B 540 14.41 -23.18 0.69
CA TYR B 540 14.03 -24.13 -0.34
C TYR B 540 13.97 -25.57 0.18
N LYS B 541 14.77 -25.86 1.20
CA LYS B 541 14.79 -27.20 1.79
C LYS B 541 13.45 -27.56 2.39
N TYR B 542 12.82 -26.58 3.06
CA TYR B 542 11.49 -26.78 3.60
C TYR B 542 10.48 -26.93 2.47
N ALA B 543 10.64 -26.13 1.42
CA ALA B 543 9.77 -26.19 0.26
C ALA B 543 9.85 -27.55 -0.42
N LYS B 544 11.04 -28.13 -0.47
CA LYS B 544 11.22 -29.43 -1.10
C LYS B 544 10.65 -30.58 -0.26
N ARG B 545 10.86 -30.53 1.06
CA ARG B 545 10.40 -31.59 1.94
C ARG B 545 8.87 -31.69 1.94
N TYR B 546 8.21 -30.56 1.76
CA TYR B 546 6.76 -30.54 1.71
C TYR B 546 6.26 -30.16 0.32
N ARG B 547 6.97 -30.62 -0.70
CA ARG B 547 6.68 -30.26 -2.09
C ARG B 547 5.25 -30.57 -2.53
N PRO B 548 4.71 -31.77 -2.22
CA PRO B 548 3.32 -31.97 -2.64
C PRO B 548 2.31 -31.14 -1.84
N GLN B 549 2.54 -30.96 -0.54
CA GLN B 549 1.60 -30.21 0.30
C GLN B 549 1.52 -28.74 -0.11
N ILE B 550 2.64 -28.20 -0.56
CA ILE B 550 2.67 -26.83 -1.06
C ILE B 550 2.01 -26.76 -2.44
N MET B 551 2.23 -27.79 -3.26
CA MET B 551 1.59 -27.85 -4.57
C MET B 551 0.07 -27.89 -4.44
N ALA B 552 -0.42 -28.77 -3.57
CA ALA B 552 -1.85 -28.90 -3.33
C ALA B 552 -2.45 -27.62 -2.77
N ALA B 553 -1.73 -26.99 -1.84
CA ALA B 553 -2.21 -25.77 -1.20
C ALA B 553 -2.38 -24.64 -2.21
N LEU B 554 -1.44 -24.54 -3.15
CA LEU B 554 -1.50 -23.52 -4.19
C LEU B 554 -2.66 -23.82 -5.13
N GLU B 555 -2.87 -25.10 -5.40
CA GLU B 555 -3.96 -25.54 -6.26
C GLU B 555 -5.32 -25.27 -5.61
N ALA B 556 -5.36 -25.32 -4.29
CA ALA B 556 -6.60 -25.10 -3.54
C ALA B 556 -6.92 -23.62 -3.39
N ASN B 557 -5.89 -22.77 -3.36
CA ASN B 557 -6.09 -21.33 -3.31
C ASN B 557 -6.40 -20.79 -4.70
N PRO B 558 -7.60 -20.20 -4.86
CA PRO B 558 -8.08 -19.74 -6.17
C PRO B 558 -7.18 -18.68 -6.79
N THR B 559 -6.68 -17.75 -5.99
CA THR B 559 -5.83 -16.68 -6.49
C THR B 559 -4.49 -17.21 -6.99
N ALA B 560 -3.88 -18.08 -6.20
CA ALA B 560 -2.60 -18.70 -6.57
C ALA B 560 -2.74 -19.57 -7.82
N ARG B 561 -3.90 -20.22 -7.96
CA ARG B 561 -4.15 -21.09 -9.09
C ARG B 561 -4.43 -20.29 -10.35
N ARG B 562 -5.16 -19.18 -10.22
CA ARG B 562 -5.47 -18.33 -11.34
C ARG B 562 -4.22 -17.71 -11.95
N THR B 563 -3.29 -17.30 -11.10
CA THR B 563 -2.04 -16.68 -11.57
C THR B 563 -0.92 -17.71 -11.70
N GLN B 564 -1.31 -18.99 -11.76
CA GLN B 564 -0.38 -20.09 -12.07
C GLN B 564 0.86 -20.15 -11.18
N LEU B 565 0.68 -20.01 -9.88
CA LEU B 565 1.81 -20.01 -8.96
C LEU B 565 2.37 -21.42 -8.75
N GLN B 566 1.51 -22.43 -8.85
CA GLN B 566 1.96 -23.81 -8.61
C GLN B 566 2.85 -24.28 -9.76
N HIS B 567 2.70 -23.65 -10.93
CA HIS B 567 3.55 -23.95 -12.07
C HIS B 567 4.93 -23.33 -11.89
N LYS B 568 4.97 -22.08 -11.47
CA LYS B 568 6.23 -21.40 -11.21
C LYS B 568 6.97 -22.11 -10.07
N PHE B 569 6.21 -22.61 -9.10
CA PHE B 569 6.78 -23.37 -7.99
C PHE B 569 7.40 -24.68 -8.48
N GLU B 570 6.69 -25.38 -9.35
CA GLU B 570 7.20 -26.61 -9.92
C GLU B 570 8.41 -26.33 -10.82
N GLN B 571 8.46 -25.13 -11.38
CA GLN B 571 9.60 -24.72 -12.19
C GLN B 571 10.82 -24.45 -11.31
N VAL B 572 10.59 -23.87 -10.14
CA VAL B 572 11.67 -23.63 -9.20
C VAL B 572 12.23 -24.95 -8.67
N VAL B 573 11.34 -25.85 -8.27
CA VAL B 573 11.74 -27.17 -7.81
C VAL B 573 12.57 -27.89 -8.86
N ALA B 574 12.11 -27.83 -10.10
CA ALA B 574 12.79 -28.48 -11.22
C ALA B 574 14.17 -27.87 -11.48
N LEU B 575 14.22 -26.54 -11.56
CA LEU B 575 15.46 -25.85 -11.88
C LEU B 575 16.49 -25.98 -10.77
N MET B 576 16.04 -26.08 -9.53
CA MET B 576 16.93 -26.21 -8.39
C MET B 576 17.56 -27.60 -8.30
N GLU B 577 16.78 -28.63 -8.57
CA GLU B 577 17.29 -30.01 -8.49
C GLU B 577 18.29 -30.31 -9.60
N ASN B 578 18.37 -29.42 -10.59
CA ASN B 578 19.28 -29.60 -11.72
C ASN B 578 20.58 -28.83 -11.55
N ASN B 579 20.55 -27.78 -10.74
CA ASN B 579 21.74 -26.98 -10.47
C ASN B 579 22.58 -27.59 -9.36
N ILE B 580 21.91 -28.12 -8.34
CA ILE B 580 22.59 -28.72 -7.19
C ILE B 580 23.36 -29.97 -7.60
N TYR B 581 22.85 -30.68 -8.62
CA TYR B 581 23.51 -31.89 -9.09
C TYR B 581 24.83 -31.57 -9.80
N GLU B 582 24.94 -30.34 -10.31
CA GLU B 582 26.16 -29.90 -10.98
C GLU B 582 27.33 -29.81 -10.00
N CYS B 583 27.00 -29.60 -8.72
CA CYS B 583 28.00 -29.52 -7.66
C CYS B 583 28.21 -30.90 -7.02
N TYR B 584 27.12 -31.67 -6.92
CA TYR B 584 27.19 -33.00 -6.33
C TYR B 584 26.46 -34.02 -7.20
#